data_7S2Z
#
_entry.id   7S2Z
#
_cell.length_a   79.743
_cell.length_b   116.644
_cell.length_c   122.220
_cell.angle_alpha   90.000
_cell.angle_beta   90.000
_cell.angle_gamma   90.000
#
_symmetry.space_group_name_H-M   'P 2 21 21'
#
loop_
_entity.id
_entity.type
_entity.pdbx_description
1 polymer 'Disease resistance protein RUN1'
2 non-polymer NICOTINAMIDE-ADENINE-DINUCLEOTIDE
3 non-polymer 'SULFATE ION'
4 water water
#
_entity_poly.entity_id   1
_entity_poly.type   'polypeptide(L)'
_entity_poly.pdbx_seq_one_letter_code
;SNARTITYDVFLSFRGEDTRFNFTDHLYSALGRRGIRTFRDDKLRRGEAIAPELLKAIEESRSSVIVFSENYARSRWCLD
ALVKIMECHKDKKDPGHAVFPIFYHVDPSHVRKQEGSFGEAFAGYGENLKDKIPRWRTALTEAANLSGWPLQDGYESNQI
KEITDSIFRRLKCKRLDAG
;
_entity_poly.pdbx_strand_id   A,B,C,D
#
loop_
_chem_comp.id
_chem_comp.type
_chem_comp.name
_chem_comp.formula
NAD non-polymer NICOTINAMIDE-ADENINE-DINUCLEOTIDE 'C21 H27 N7 O14 P2'
SO4 non-polymer 'SULFATE ION' 'O4 S -2'
#
# COMPACT_ATOMS: atom_id res chain seq x y z
N THR A 5 19.74 17.13 40.52
CA THR A 5 20.55 16.12 39.85
C THR A 5 19.76 15.44 38.74
N ILE A 6 20.45 15.11 37.65
CA ILE A 6 19.83 14.52 36.47
C ILE A 6 20.56 13.24 36.12
N THR A 7 19.80 12.18 35.83
CA THR A 7 20.35 10.88 35.48
C THR A 7 19.88 10.39 34.12
N TYR A 8 18.62 10.62 33.75
CA TYR A 8 18.05 10.15 32.51
C TYR A 8 17.47 11.31 31.70
N ASP A 9 17.40 11.11 30.39
CA ASP A 9 16.70 12.06 29.53
C ASP A 9 15.21 11.85 29.54
N VAL A 10 14.75 10.60 29.70
CA VAL A 10 13.35 10.24 29.58
C VAL A 10 13.01 9.17 30.62
N PHE A 11 11.95 9.41 31.38
CA PHE A 11 11.33 8.37 32.20
C PHE A 11 10.13 7.84 31.44
N LEU A 12 10.09 6.53 31.22
CA LEU A 12 9.05 5.90 30.40
C LEU A 12 7.96 5.37 31.33
N SER A 13 6.79 6.01 31.28
CA SER A 13 5.63 5.59 32.06
C SER A 13 4.67 4.85 31.15
N PHE A 14 4.24 3.66 31.58
CA PHE A 14 3.44 2.78 30.73
C PHE A 14 2.75 1.74 31.59
N ARG A 15 1.71 1.14 31.02
CA ARG A 15 0.98 0.05 31.66
C ARG A 15 1.55 -1.26 31.12
N GLY A 16 2.24 -2.01 31.97
CA GLY A 16 2.95 -3.19 31.51
C GLY A 16 2.03 -4.20 30.84
N GLU A 17 0.89 -4.47 31.47
CA GLU A 17 -0.05 -5.44 30.92
C GLU A 17 -0.43 -5.11 29.47
N ASP A 18 -0.34 -3.84 29.09
CA ASP A 18 -0.77 -3.41 27.76
C ASP A 18 0.38 -3.38 26.75
N THR A 19 1.52 -2.79 27.11
CA THR A 19 2.54 -2.48 26.10
C THR A 19 3.95 -2.81 26.54
N ARG A 20 4.15 -3.51 27.66
CA ARG A 20 5.50 -3.75 28.15
C ARG A 20 6.38 -4.40 27.09
N PHE A 21 5.93 -5.52 26.54
CA PHE A 21 6.77 -6.35 25.67
C PHE A 21 6.70 -5.96 24.20
N ASN A 22 5.76 -5.10 23.81
CA ASN A 22 5.57 -4.78 22.40
C ASN A 22 5.87 -3.30 22.20
N PHE A 23 4.84 -2.44 22.15
CA PHE A 23 5.04 -1.08 21.67
C PHE A 23 6.08 -0.33 22.50
N THR A 24 5.93 -0.35 23.83
CA THR A 24 6.84 0.44 24.66
C THR A 24 8.27 -0.07 24.57
N ASP A 25 8.45 -1.38 24.35
CA ASP A 25 9.80 -1.90 24.18
C ASP A 25 10.43 -1.38 22.90
N HIS A 26 9.68 -1.39 21.79
CA HIS A 26 10.19 -0.82 20.55
C HIS A 26 10.45 0.68 20.70
N LEU A 27 9.57 1.38 21.42
CA LEU A 27 9.81 2.79 21.69
C LEU A 27 11.06 2.98 22.53
N TYR A 28 11.24 2.13 23.54
CA TYR A 28 12.45 2.20 24.36
C TYR A 28 13.71 2.06 23.50
N SER A 29 13.71 1.10 22.58
CA SER A 29 14.89 0.87 21.75
C SER A 29 15.14 2.02 20.79
N ALA A 30 14.07 2.60 20.24
CA ALA A 30 14.25 3.72 19.32
C ALA A 30 14.84 4.94 20.03
N LEU A 31 14.42 5.18 21.27
CA LEU A 31 15.01 6.29 22.03
C LEU A 31 16.50 6.05 22.26
N GLY A 32 16.89 4.82 22.55
CA GLY A 32 18.29 4.53 22.77
C GLY A 32 19.13 4.73 21.51
N ARG A 33 18.59 4.33 20.36
CA ARG A 33 19.30 4.51 19.10
C ARG A 33 19.58 5.98 18.81
N ARG A 34 18.80 6.89 19.37
CA ARG A 34 18.99 8.33 19.18
C ARG A 34 19.86 8.96 20.27
N GLY A 35 20.45 8.15 21.15
CA GLY A 35 21.24 8.67 22.24
C GLY A 35 20.46 9.24 23.38
N ILE A 36 19.16 8.94 23.46
CA ILE A 36 18.30 9.44 24.53
C ILE A 36 18.31 8.43 25.66
N ARG A 37 18.99 8.76 26.75
CA ARG A 37 19.06 7.87 27.91
C ARG A 37 17.69 7.77 28.55
N THR A 38 17.17 6.54 28.66
CA THR A 38 15.79 6.31 29.06
C THR A 38 15.73 5.31 30.19
N PHE A 39 14.91 5.62 31.20
CA PHE A 39 14.62 4.69 32.29
C PHE A 39 13.34 3.93 31.94
N ARG A 40 13.47 2.62 31.76
CA ARG A 40 12.33 1.73 31.49
C ARG A 40 12.38 0.63 32.55
N ASP A 41 11.48 0.73 33.52
CA ASP A 41 11.49 -0.23 34.62
C ASP A 41 11.25 -1.64 34.11
N ASP A 42 12.10 -2.58 34.55
CA ASP A 42 11.96 -3.98 34.22
C ASP A 42 12.06 -4.88 35.45
N LYS A 43 11.99 -4.30 36.65
CA LYS A 43 12.20 -5.04 37.88
C LYS A 43 10.88 -5.62 38.39
N LEU A 44 10.99 -6.70 39.16
CA LEU A 44 9.86 -7.24 39.91
C LEU A 44 9.63 -6.35 41.13
N ARG A 45 8.42 -5.80 41.25
CA ARG A 45 8.06 -4.91 42.35
C ARG A 45 6.79 -5.42 43.00
N ARG A 46 6.74 -5.31 44.33
CA ARG A 46 5.55 -5.67 45.10
C ARG A 46 5.30 -4.58 46.13
N GLY A 47 4.12 -4.60 46.72
CA GLY A 47 3.76 -3.72 47.80
C GLY A 47 2.57 -2.85 47.48
N GLU A 48 2.21 -2.01 48.45
CA GLU A 48 1.06 -1.12 48.35
C GLU A 48 1.42 0.18 47.64
N ALA A 49 2.33 0.96 48.22
CA ALA A 49 2.72 2.23 47.63
C ALA A 49 3.71 2.00 46.49
N ILE A 50 3.79 3.00 45.60
CA ILE A 50 4.71 2.91 44.48
C ILE A 50 6.15 2.83 45.00
N ALA A 51 6.98 2.11 44.27
CA ALA A 51 8.37 1.94 44.67
C ALA A 51 9.06 3.31 44.73
N PRO A 52 9.82 3.60 45.78
CA PRO A 52 10.51 4.91 45.83
C PRO A 52 11.50 5.11 44.70
N GLU A 53 12.11 4.03 44.20
CA GLU A 53 13.06 4.15 43.10
C GLU A 53 12.41 4.75 41.86
N LEU A 54 11.13 4.46 41.64
CA LEU A 54 10.44 5.04 40.50
C LEU A 54 10.21 6.53 40.69
N LEU A 55 9.77 6.94 41.88
CA LEU A 55 9.63 8.36 42.17
C LEU A 55 10.97 9.07 42.07
N LYS A 56 12.03 8.43 42.56
CA LYS A 56 13.37 9.01 42.44
C LYS A 56 13.78 9.11 40.97
N ALA A 57 13.49 8.08 40.18
CA ALA A 57 13.87 8.11 38.77
C ALA A 57 13.16 9.24 38.04
N ILE A 58 11.90 9.50 38.39
CA ILE A 58 11.18 10.61 37.77
C ILE A 58 11.85 11.94 38.09
N GLU A 59 12.29 12.12 39.33
CA GLU A 59 12.93 13.37 39.72
C GLU A 59 14.23 13.60 38.96
N GLU A 60 14.95 12.52 38.63
CA GLU A 60 16.25 12.62 37.96
C GLU A 60 16.12 12.48 36.45
N SER A 61 14.94 12.70 35.90
CA SER A 61 14.71 12.62 34.46
C SER A 61 14.35 13.99 33.91
N ARG A 62 14.96 14.33 32.76
CA ARG A 62 14.66 15.60 32.12
C ARG A 62 13.24 15.66 31.59
N SER A 63 12.63 14.50 31.31
CA SER A 63 11.30 14.46 30.74
C SER A 63 10.72 13.08 30.99
N SER A 64 9.41 12.96 30.73
CA SER A 64 8.70 11.70 30.83
C SER A 64 7.88 11.50 29.58
N VAL A 65 7.94 10.29 29.02
CA VAL A 65 7.10 9.88 27.90
C VAL A 65 6.07 8.92 28.46
N ILE A 66 4.79 9.26 28.31
CA ILE A 66 3.69 8.49 28.87
C ILE A 66 3.02 7.71 27.74
N VAL A 67 3.00 6.40 27.86
CA VAL A 67 2.31 5.53 26.91
C VAL A 67 0.93 5.25 27.53
N PHE A 68 -0.01 6.16 27.29
CA PHE A 68 -1.38 5.92 27.72
C PHE A 68 -1.96 4.76 26.92
N SER A 69 -2.55 3.80 27.62
CA SER A 69 -3.17 2.64 27.01
C SER A 69 -4.50 2.38 27.69
N GLU A 70 -5.26 1.43 27.13
CA GLU A 70 -6.63 1.22 27.57
C GLU A 70 -6.74 1.04 29.08
N ASN A 71 -5.79 0.31 29.68
CA ASN A 71 -5.85 -0.05 31.09
C ASN A 71 -4.86 0.74 31.94
N TYR A 72 -4.35 1.86 31.44
CA TYR A 72 -3.37 2.63 32.19
C TYR A 72 -3.94 3.09 33.54
N ALA A 73 -5.18 3.56 33.55
CA ALA A 73 -5.79 4.05 34.79
C ALA A 73 -6.23 2.93 35.72
N ARG A 74 -6.13 1.67 35.29
CA ARG A 74 -6.48 0.55 36.15
C ARG A 74 -5.36 0.18 37.11
N SER A 75 -4.19 0.83 37.01
CA SER A 75 -3.05 0.55 37.86
C SER A 75 -2.78 1.76 38.75
N ARG A 76 -2.87 1.57 40.06
CA ARG A 76 -2.60 2.67 40.99
C ARG A 76 -1.15 3.14 40.86
N TRP A 77 -0.23 2.24 40.52
CA TRP A 77 1.17 2.63 40.40
C TRP A 77 1.38 3.56 39.22
N CYS A 78 0.70 3.30 38.09
CA CYS A 78 0.81 4.19 36.95
C CYS A 78 0.23 5.56 37.27
N LEU A 79 -0.91 5.59 37.96
CA LEU A 79 -1.52 6.87 38.32
C LEU A 79 -0.67 7.60 39.34
N ASP A 80 -0.09 6.88 40.31
CA ASP A 80 0.78 7.55 41.29
C ASP A 80 2.03 8.10 40.61
N ALA A 81 2.60 7.35 39.67
CA ALA A 81 3.75 7.86 38.92
C ALA A 81 3.35 9.07 38.08
N LEU A 82 2.16 9.03 37.48
CA LEU A 82 1.70 10.18 36.70
C LEU A 82 1.57 11.42 37.58
N VAL A 83 1.02 11.25 38.78
CA VAL A 83 0.91 12.38 39.71
C VAL A 83 2.28 12.98 39.96
N LYS A 84 3.28 12.13 40.21
CA LYS A 84 4.64 12.64 40.43
C LYS A 84 5.17 13.32 39.18
N ILE A 85 4.88 12.76 38.00
CA ILE A 85 5.39 13.34 36.76
C ILE A 85 4.80 14.72 36.53
N MET A 86 3.52 14.90 36.84
CA MET A 86 2.90 16.20 36.59
C MET A 86 3.31 17.22 37.64
N GLU A 87 3.48 16.78 38.88
CA GLU A 87 3.98 17.66 39.97
C GLU A 87 5.36 18.14 39.55
N CYS A 88 6.12 17.32 38.84
CA CYS A 88 7.50 17.65 38.37
C CYS A 88 7.41 18.66 37.21
N HIS A 89 6.50 18.45 36.26
CA HIS A 89 6.34 19.34 35.09
C HIS A 89 5.97 20.74 35.60
N LYS A 90 5.17 20.83 36.66
CA LYS A 90 4.66 22.10 37.16
C LYS A 90 5.65 22.82 38.07
N ASP A 91 6.31 22.08 38.98
CA ASP A 91 7.04 22.71 40.08
C ASP A 91 8.53 22.83 39.84
N LYS A 92 9.10 21.97 39.00
CA LYS A 92 10.58 21.86 38.83
C LYS A 92 11.11 22.80 37.75
N LYS A 93 12.22 23.48 38.02
CA LYS A 93 12.94 24.29 37.05
C LYS A 93 14.43 24.11 37.27
N ASP A 94 15.21 24.39 36.23
CA ASP A 94 16.66 24.26 36.29
C ASP A 94 17.06 22.83 36.64
N PRO A 95 16.81 21.86 35.75
CA PRO A 95 16.06 22.01 34.49
C PRO A 95 14.59 21.68 34.67
N GLY A 96 13.76 22.08 33.71
CA GLY A 96 12.36 21.71 33.73
C GLY A 96 12.15 20.24 33.41
N HIS A 97 10.93 19.78 33.66
CA HIS A 97 10.53 18.41 33.40
C HIS A 97 9.49 18.41 32.29
N ALA A 98 9.93 18.10 31.07
CA ALA A 98 9.01 18.01 29.95
C ALA A 98 8.19 16.72 30.04
N VAL A 99 7.03 16.72 29.38
CA VAL A 99 6.12 15.59 29.43
C VAL A 99 5.57 15.37 28.03
N PHE A 100 5.84 14.20 27.45
CA PHE A 100 5.40 13.85 26.11
C PHE A 100 4.36 12.74 26.20
N PRO A 101 3.07 13.02 26.02
CA PRO A 101 2.07 11.97 26.12
C PRO A 101 1.81 11.26 24.79
N ILE A 102 1.74 9.93 24.87
CA ILE A 102 1.39 9.10 23.72
C ILE A 102 0.07 8.42 24.04
N PHE A 103 -0.93 8.64 23.19
CA PHE A 103 -2.24 8.02 23.34
C PHE A 103 -2.26 6.78 22.44
N TYR A 104 -1.82 5.66 23.00
CA TYR A 104 -1.63 4.43 22.22
C TYR A 104 -2.95 3.69 22.13
N HIS A 105 -3.64 3.85 21.00
CA HIS A 105 -4.91 3.18 20.75
C HIS A 105 -5.98 3.56 21.78
N VAL A 106 -5.89 4.79 22.31
CA VAL A 106 -6.91 5.33 23.21
C VAL A 106 -7.24 6.73 22.75
N ASP A 107 -8.52 7.07 22.78
CA ASP A 107 -8.95 8.41 22.42
C ASP A 107 -8.37 9.42 23.42
N PRO A 108 -7.68 10.46 22.94
CA PRO A 108 -7.15 11.45 23.90
C PRO A 108 -8.20 12.01 24.84
N SER A 109 -9.43 12.19 24.37
CA SER A 109 -10.49 12.71 25.22
C SER A 109 -10.93 11.71 26.28
N HIS A 110 -10.75 10.41 26.03
CA HIS A 110 -11.03 9.43 27.06
C HIS A 110 -10.11 9.59 28.26
N VAL A 111 -8.86 9.97 28.01
CA VAL A 111 -7.90 10.21 29.08
C VAL A 111 -8.17 11.55 29.75
N ARG A 112 -8.37 12.59 28.93
CA ARG A 112 -8.57 13.93 29.46
C ARG A 112 -9.81 14.00 30.34
N LYS A 113 -10.89 13.32 29.94
CA LYS A 113 -12.16 13.38 30.66
C LYS A 113 -12.42 12.13 31.49
N GLN A 114 -11.51 11.16 31.48
CA GLN A 114 -11.72 9.89 32.17
C GLN A 114 -13.04 9.27 31.73
N GLU A 115 -13.19 9.10 30.42
CA GLU A 115 -14.39 8.56 29.81
C GLU A 115 -14.06 7.26 29.09
N GLY A 116 -15.11 6.61 28.59
CA GLY A 116 -14.94 5.35 27.89
C GLY A 116 -14.40 4.26 28.81
N SER A 117 -13.96 3.18 28.18
CA SER A 117 -13.38 2.08 28.94
C SER A 117 -12.16 2.53 29.74
N PHE A 118 -11.49 3.59 29.29
CA PHE A 118 -10.40 4.15 30.07
C PHE A 118 -10.90 4.73 31.39
N GLY A 119 -12.08 5.37 31.35
CA GLY A 119 -12.64 5.96 32.56
C GLY A 119 -13.31 4.98 33.49
N GLU A 120 -13.69 3.80 32.98
CA GLU A 120 -14.29 2.78 33.83
C GLU A 120 -13.37 2.39 34.99
N ALA A 121 -12.07 2.61 34.85
CA ALA A 121 -11.12 2.20 35.89
C ALA A 121 -11.46 2.84 37.23
N PHE A 122 -12.02 4.04 37.23
CA PHE A 122 -12.26 4.76 38.47
C PHE A 122 -13.46 4.20 39.24
N ALA A 123 -14.31 3.40 38.60
CA ALA A 123 -15.39 2.76 39.32
C ALA A 123 -14.87 1.68 40.27
N GLY A 124 -13.75 1.05 39.93
CA GLY A 124 -13.15 0.03 40.77
C GLY A 124 -12.39 0.54 41.98
N TYR A 125 -12.17 1.84 42.06
CA TYR A 125 -11.50 2.44 43.20
C TYR A 125 -12.55 2.88 44.22
N GLY A 126 -12.44 2.39 45.45
CA GLY A 126 -13.41 2.66 46.49
C GLY A 126 -13.05 3.89 47.31
N GLU A 127 -13.62 3.94 48.52
CA GLU A 127 -13.38 5.07 49.41
C GLU A 127 -12.01 5.00 50.08
N ASN A 128 -11.37 3.83 50.09
CA ASN A 128 -9.99 3.75 50.55
C ASN A 128 -9.06 4.64 49.73
N LEU A 129 -9.48 5.03 48.52
CA LEU A 129 -8.67 5.87 47.65
C LEU A 129 -9.39 7.17 47.31
N LYS A 130 -10.33 7.60 48.15
CA LYS A 130 -11.06 8.84 47.92
C LYS A 130 -10.11 10.01 47.72
N ASP A 131 -9.19 10.21 48.66
CA ASP A 131 -8.24 11.32 48.58
C ASP A 131 -7.38 11.26 47.32
N LYS A 132 -7.23 10.08 46.72
CA LYS A 132 -6.34 9.91 45.57
C LYS A 132 -7.04 10.25 44.27
N ILE A 133 -8.32 9.91 44.13
CA ILE A 133 -9.00 10.05 42.84
C ILE A 133 -8.90 11.47 42.30
N PRO A 134 -9.18 12.58 43.05
CA PRO A 134 -8.99 13.93 42.50
C PRO A 134 -7.59 14.23 41.93
N ARG A 135 -6.52 13.78 42.60
CA ARG A 135 -5.15 14.07 42.11
C ARG A 135 -4.91 13.20 40.88
N TRP A 136 -5.47 12.00 40.87
CA TRP A 136 -5.36 11.11 39.69
C TRP A 136 -6.09 11.74 38.49
N ARG A 137 -7.36 12.14 38.64
CA ARG A 137 -8.08 12.78 37.54
C ARG A 137 -7.33 14.03 37.06
N THR A 138 -6.93 14.89 37.99
CA THR A 138 -6.25 16.12 37.62
C THR A 138 -4.96 15.84 36.86
N ALA A 139 -4.17 14.86 37.33
CA ALA A 139 -2.94 14.51 36.64
C ALA A 139 -3.23 13.99 35.23
N LEU A 140 -4.26 13.16 35.10
CA LEU A 140 -4.63 12.65 33.77
C LEU A 140 -5.11 13.79 32.87
N THR A 141 -6.00 14.64 33.40
CA THR A 141 -6.51 15.75 32.59
C THR A 141 -5.38 16.70 32.19
N GLU A 142 -4.50 17.02 33.12
CA GLU A 142 -3.37 17.90 32.80
C GLU A 142 -2.48 17.26 31.74
N ALA A 143 -2.10 16.00 31.95
CA ALA A 143 -1.19 15.34 31.02
C ALA A 143 -1.77 15.27 29.62
N ALA A 144 -3.08 15.06 29.51
CA ALA A 144 -3.72 14.95 28.21
C ALA A 144 -3.84 16.28 27.49
N ASN A 145 -3.53 17.40 28.16
CA ASN A 145 -3.60 18.71 27.56
C ASN A 145 -2.23 19.22 27.08
N LEU A 146 -1.21 18.37 27.11
CA LEU A 146 0.08 18.69 26.53
C LEU A 146 0.16 18.08 25.14
N SER A 147 0.84 18.77 24.23
CA SER A 147 0.95 18.30 22.85
C SER A 147 1.62 16.94 22.83
N GLY A 148 0.91 15.95 22.32
CA GLY A 148 1.39 14.58 22.23
C GLY A 148 1.11 13.98 20.87
N TRP A 149 0.86 12.68 20.86
CA TRP A 149 0.67 11.92 19.63
C TRP A 149 -0.49 10.94 19.81
N PRO A 150 -1.66 11.24 19.25
CA PRO A 150 -2.72 10.22 19.19
C PRO A 150 -2.35 9.14 18.17
N LEU A 151 -2.26 7.90 18.64
CA LEU A 151 -1.86 6.77 17.80
C LEU A 151 -3.03 5.82 17.67
N GLN A 152 -3.56 5.72 16.46
CA GLN A 152 -4.56 4.72 16.11
C GLN A 152 -3.87 3.63 15.31
N ASP A 153 -4.65 2.70 14.76
CA ASP A 153 -4.08 1.66 13.93
C ASP A 153 -3.21 2.28 12.84
N GLY A 154 -2.00 1.75 12.69
CA GLY A 154 -1.07 2.30 11.74
C GLY A 154 0.29 1.67 11.91
N TYR A 155 1.18 1.99 10.97
CA TYR A 155 2.51 1.40 10.92
C TYR A 155 3.32 1.93 12.11
N GLU A 156 3.48 1.08 13.14
CA GLU A 156 4.03 1.53 14.40
C GLU A 156 5.48 1.98 14.27
N SER A 157 6.26 1.31 13.42
CA SER A 157 7.66 1.69 13.27
C SER A 157 7.78 3.14 12.81
N ASN A 158 6.91 3.57 11.89
CA ASN A 158 6.95 4.96 11.45
C ASN A 158 6.45 5.88 12.55
N GLN A 159 5.37 5.49 13.25
CA GLN A 159 4.88 6.30 14.36
C GLN A 159 5.96 6.52 15.41
N ILE A 160 6.68 5.47 15.77
CA ILE A 160 7.73 5.59 16.78
C ILE A 160 8.87 6.45 16.25
N LYS A 161 9.18 6.31 14.95
CA LYS A 161 10.27 7.09 14.37
C LYS A 161 9.97 8.58 14.43
N GLU A 162 8.75 8.97 14.04
CA GLU A 162 8.37 10.37 14.13
C GLU A 162 8.34 10.85 15.58
N ILE A 163 7.89 9.99 16.49
CA ILE A 163 7.78 10.39 17.89
C ILE A 163 9.17 10.61 18.49
N THR A 164 10.08 9.66 18.29
CA THR A 164 11.40 9.78 18.91
C THR A 164 12.23 10.86 18.23
N ASP A 165 12.02 11.10 16.93
CA ASP A 165 12.68 12.23 16.28
C ASP A 165 12.23 13.55 16.89
N SER A 166 10.91 13.71 17.09
CA SER A 166 10.40 14.94 17.67
C SER A 166 10.89 15.11 19.11
N ILE A 167 10.96 14.01 19.86
CA ILE A 167 11.44 14.11 21.24
C ILE A 167 12.92 14.44 21.27
N PHE A 168 13.70 13.84 20.36
CA PHE A 168 15.12 14.14 20.28
C PHE A 168 15.34 15.63 20.00
N ARG A 169 14.59 16.18 19.05
CA ARG A 169 14.72 17.60 18.73
C ARG A 169 14.33 18.46 19.94
N ARG A 170 13.21 18.14 20.58
CA ARG A 170 12.73 18.97 21.68
C ARG A 170 13.68 18.93 22.87
N LEU A 171 14.23 17.75 23.18
CA LEU A 171 15.12 17.64 24.33
C LEU A 171 16.44 18.35 24.07
N LYS A 172 16.96 18.27 22.84
CA LYS A 172 18.18 18.99 22.52
C LYS A 172 17.97 20.50 22.57
N CYS A 173 16.76 20.96 22.23
CA CYS A 173 16.47 22.39 22.33
C CYS A 173 16.32 22.83 23.78
N LYS A 174 15.89 21.93 24.66
CA LYS A 174 15.76 22.26 26.08
C LYS A 174 17.11 22.31 26.78
N ARG A 175 18.13 21.70 26.21
CA ARG A 175 19.47 21.73 26.80
C ARG A 175 20.31 22.84 26.16
N THR B 5 8.16 23.28 6.35
CA THR B 5 8.84 22.07 5.87
C THR B 5 8.09 21.47 4.69
N ILE B 6 8.79 21.33 3.57
CA ILE B 6 8.21 20.84 2.32
C ILE B 6 8.91 19.54 1.94
N THR B 7 8.12 18.48 1.76
CA THR B 7 8.64 17.16 1.42
C THR B 7 8.29 16.72 0.01
N TYR B 8 7.09 17.03 -0.47
CA TYR B 8 6.63 16.60 -1.78
C TYR B 8 6.25 17.79 -2.64
N ASP B 9 6.27 17.57 -3.95
CA ASP B 9 5.79 18.57 -4.90
C ASP B 9 4.29 18.49 -5.08
N VAL B 10 3.72 17.29 -5.00
CA VAL B 10 2.32 17.04 -5.31
C VAL B 10 1.79 15.98 -4.36
N PHE B 11 0.64 16.24 -3.75
CA PHE B 11 -0.13 15.22 -3.05
C PHE B 11 -1.27 14.77 -3.97
N LEU B 12 -1.34 13.47 -4.21
CA LEU B 12 -2.29 12.90 -5.16
C LEU B 12 -3.51 12.42 -4.39
N SER B 13 -4.64 13.10 -4.58
CA SER B 13 -5.91 12.71 -3.97
C SER B 13 -6.77 12.03 -5.03
N PHE B 14 -7.30 10.86 -4.69
CA PHE B 14 -8.04 10.05 -5.64
C PHE B 14 -8.86 9.01 -4.89
N ARG B 15 -9.89 8.50 -5.55
CA ARG B 15 -10.72 7.44 -4.99
C ARG B 15 -10.15 6.10 -5.47
N GLY B 16 -9.63 5.31 -4.52
CA GLY B 16 -8.89 4.12 -4.89
C GLY B 16 -9.72 3.15 -5.72
N GLU B 17 -10.94 2.87 -5.27
CA GLU B 17 -11.80 1.93 -5.99
C GLU B 17 -12.03 2.33 -7.44
N ASP B 18 -11.89 3.62 -7.76
CA ASP B 18 -12.14 4.11 -9.10
C ASP B 18 -10.91 4.07 -10.00
N THR B 19 -9.79 4.62 -9.53
CA THR B 19 -8.67 4.94 -10.43
C THR B 19 -7.30 4.51 -9.90
N ARG B 20 -7.24 3.79 -8.77
CA ARG B 20 -5.94 3.44 -8.22
C ARG B 20 -5.12 2.60 -9.20
N PHE B 21 -5.76 1.62 -9.83
CA PHE B 21 -5.06 0.66 -10.68
C PHE B 21 -4.93 1.14 -12.11
N ASN B 22 -5.61 2.21 -12.50
CA ASN B 22 -5.58 2.66 -13.87
C ASN B 22 -5.13 4.10 -13.99
N PHE B 23 -6.06 5.04 -14.13
CA PHE B 23 -5.72 6.41 -14.49
C PHE B 23 -4.73 7.02 -13.50
N THR B 24 -4.98 6.86 -12.20
CA THR B 24 -4.10 7.50 -11.23
C THR B 24 -2.70 6.87 -11.22
N ASP B 25 -2.59 5.58 -11.52
CA ASP B 25 -1.28 4.97 -11.62
C ASP B 25 -0.51 5.52 -12.82
N HIS B 26 -1.16 5.65 -13.97
CA HIS B 26 -0.52 6.25 -15.13
C HIS B 26 -0.17 7.71 -14.86
N LEU B 27 -1.05 8.43 -14.16
CA LEU B 27 -0.75 9.82 -13.82
C LEU B 27 0.43 9.90 -12.86
N TYR B 28 0.47 9.01 -11.87
CA TYR B 28 1.60 8.97 -10.95
C TYR B 28 2.91 8.77 -11.69
N SER B 29 2.94 7.87 -12.67
CA SER B 29 4.16 7.61 -13.42
C SER B 29 4.57 8.80 -14.26
N ALA B 30 3.60 9.44 -14.93
CA ALA B 30 3.93 10.60 -15.75
C ALA B 30 4.45 11.75 -14.91
N LEU B 31 3.98 11.89 -13.67
CA LEU B 31 4.52 12.92 -12.80
C LEU B 31 5.95 12.62 -12.41
N GLY B 32 6.26 11.36 -12.12
CA GLY B 32 7.62 10.99 -11.79
C GLY B 32 8.57 11.22 -12.95
N ARG B 33 8.11 10.98 -14.17
CA ARG B 33 8.95 11.18 -15.35
C ARG B 33 9.31 12.64 -15.56
N ARG B 34 8.58 13.56 -14.95
CA ARG B 34 8.85 14.99 -15.06
C ARG B 34 9.61 15.53 -13.86
N GLY B 35 10.06 14.66 -12.96
CA GLY B 35 10.78 15.10 -11.78
C GLY B 35 9.91 15.69 -10.70
N ILE B 36 8.62 15.34 -10.67
CA ILE B 36 7.68 15.88 -9.70
C ILE B 36 7.54 14.85 -8.59
N ARG B 37 8.18 15.12 -7.44
CA ARG B 37 8.06 14.24 -6.28
C ARG B 37 6.62 14.20 -5.82
N THR B 38 6.01 13.03 -5.90
CA THR B 38 4.57 12.87 -5.70
C THR B 38 4.32 11.86 -4.59
N PHE B 39 3.48 12.23 -3.62
CA PHE B 39 3.02 11.32 -2.59
C PHE B 39 1.73 10.66 -3.07
N ARG B 40 1.77 9.34 -3.26
CA ARG B 40 0.62 8.56 -3.68
C ARG B 40 0.40 7.47 -2.64
N ASP B 41 -0.62 7.65 -1.81
CA ASP B 41 -0.92 6.68 -0.76
C ASP B 41 -1.27 5.33 -1.36
N ASP B 42 -0.31 4.41 -1.37
CA ASP B 42 -0.56 3.03 -1.78
C ASP B 42 -0.23 2.11 -0.62
N LYS B 43 -0.71 2.46 0.58
CA LYS B 43 -0.50 1.66 1.78
C LYS B 43 -1.84 1.44 2.45
N LEU B 44 -2.10 0.19 2.85
CA LEU B 44 -3.31 -0.12 3.59
C LEU B 44 -3.32 0.68 4.90
N ARG B 45 -4.48 1.25 5.23
CA ARG B 45 -4.62 2.09 6.40
C ARG B 45 -5.96 1.82 7.07
N ARG B 46 -6.02 2.13 8.36
CA ARG B 46 -7.21 1.89 9.16
C ARG B 46 -7.25 2.91 10.29
N GLY B 47 -8.45 3.06 10.86
CA GLY B 47 -8.67 3.98 11.96
C GLY B 47 -9.97 4.73 11.78
N GLU B 48 -10.46 5.31 12.89
CA GLU B 48 -11.69 6.10 12.83
C GLU B 48 -11.51 7.30 11.90
N ALA B 49 -10.60 8.19 12.25
CA ALA B 49 -10.34 9.38 11.45
C ALA B 49 -9.42 9.04 10.29
N ILE B 50 -9.18 10.03 9.43
CA ILE B 50 -8.21 9.87 8.36
C ILE B 50 -6.82 9.68 8.97
N ALA B 51 -6.01 8.85 8.32
CA ALA B 51 -4.67 8.60 8.80
C ALA B 51 -3.91 9.91 8.93
N PRO B 52 -3.44 10.30 10.12
CA PRO B 52 -2.74 11.59 10.24
C PRO B 52 -1.51 11.67 9.35
N GLU B 53 -0.94 10.53 8.93
CA GLU B 53 0.17 10.57 7.98
C GLU B 53 -0.25 11.23 6.66
N LEU B 54 -1.51 11.08 6.28
CA LEU B 54 -2.00 11.73 5.06
C LEU B 54 -2.08 13.24 5.25
N LEU B 55 -2.64 13.69 6.37
CA LEU B 55 -2.73 15.12 6.64
C LEU B 55 -1.34 15.74 6.69
N LYS B 56 -0.38 15.06 7.32
CA LYS B 56 0.99 15.56 7.34
C LYS B 56 1.59 15.60 5.95
N ALA B 57 1.28 14.59 5.12
CA ALA B 57 1.76 14.59 3.75
C ALA B 57 1.20 15.78 2.98
N ILE B 58 -0.09 16.06 3.13
CA ILE B 58 -0.68 17.24 2.50
C ILE B 58 0.04 18.49 2.98
N GLU B 59 0.23 18.61 4.30
CA GLU B 59 0.86 19.81 4.85
C GLU B 59 2.26 20.01 4.31
N GLU B 60 2.92 18.93 3.88
CA GLU B 60 4.31 18.98 3.41
C GLU B 60 4.40 18.93 1.88
N SER B 61 3.30 19.18 1.18
CA SER B 61 3.27 19.14 -0.27
C SER B 61 3.11 20.56 -0.82
N ARG B 62 3.86 20.86 -1.88
CA ARG B 62 3.74 22.16 -2.53
C ARG B 62 2.40 22.33 -3.21
N SER B 63 1.72 21.24 -3.55
CA SER B 63 0.45 21.30 -4.26
C SER B 63 -0.26 19.97 -4.10
N SER B 64 -1.47 19.90 -4.67
CA SER B 64 -2.26 18.68 -4.66
C SER B 64 -2.96 18.54 -6.00
N VAL B 65 -2.96 17.32 -6.53
CA VAL B 65 -3.73 16.97 -7.73
C VAL B 65 -4.88 16.08 -7.29
N ILE B 66 -6.09 16.45 -7.68
CA ILE B 66 -7.30 15.76 -7.26
C ILE B 66 -7.89 15.04 -8.47
N VAL B 67 -7.95 13.71 -8.39
CA VAL B 67 -8.60 12.92 -9.42
C VAL B 67 -10.03 12.70 -8.96
N PHE B 68 -10.91 13.64 -9.29
CA PHE B 68 -12.32 13.46 -9.02
C PHE B 68 -12.88 12.37 -9.92
N SER B 69 -13.56 11.40 -9.32
CA SER B 69 -14.21 10.32 -10.05
C SER B 69 -15.60 10.12 -9.50
N GLU B 70 -16.34 9.18 -10.09
CA GLU B 70 -17.77 9.07 -9.81
C GLU B 70 -18.04 8.84 -8.32
N ASN B 71 -17.20 8.04 -7.65
CA ASN B 71 -17.45 7.65 -6.27
C ASN B 71 -16.49 8.33 -5.30
N TYR B 72 -15.88 9.45 -5.70
CA TYR B 72 -14.96 10.17 -4.82
C TYR B 72 -15.67 10.61 -3.54
N ALA B 73 -16.84 11.22 -3.67
CA ALA B 73 -17.56 11.70 -2.50
C ALA B 73 -18.16 10.57 -1.66
N ARG B 74 -18.09 9.33 -2.14
CA ARG B 74 -18.57 8.19 -1.37
C ARG B 74 -17.60 7.73 -0.31
N SER B 75 -16.38 8.26 -0.30
CA SER B 75 -15.37 7.91 0.70
C SER B 75 -15.15 9.11 1.61
N ARG B 76 -15.43 8.93 2.90
CA ARG B 76 -15.24 10.02 3.85
C ARG B 76 -13.77 10.40 3.99
N TRP B 77 -12.85 9.49 3.68
CA TRP B 77 -11.42 9.81 3.78
C TRP B 77 -10.99 10.76 2.66
N CYS B 78 -11.46 10.51 1.44
CA CYS B 78 -11.19 11.44 0.36
C CYS B 78 -11.73 12.83 0.67
N LEU B 79 -12.95 12.89 1.20
CA LEU B 79 -13.55 14.19 1.51
C LEU B 79 -12.80 14.88 2.66
N ASP B 80 -12.40 14.12 3.67
CA ASP B 80 -11.61 14.72 4.75
C ASP B 80 -10.28 15.22 4.23
N ALA B 81 -9.63 14.45 3.36
CA ALA B 81 -8.39 14.91 2.75
C ALA B 81 -8.62 16.17 1.91
N LEU B 82 -9.73 16.20 1.16
CA LEU B 82 -10.03 17.38 0.36
C LEU B 82 -10.21 18.61 1.25
N VAL B 83 -10.88 18.45 2.39
CA VAL B 83 -11.03 19.57 3.32
C VAL B 83 -9.66 20.08 3.75
N LYS B 84 -8.77 19.18 4.13
CA LYS B 84 -7.41 19.59 4.51
C LYS B 84 -6.71 20.26 3.35
N ILE B 85 -6.82 19.70 2.15
CA ILE B 85 -6.17 20.27 0.98
C ILE B 85 -6.61 21.71 0.77
N MET B 86 -7.91 21.95 0.83
CA MET B 86 -8.42 23.29 0.56
C MET B 86 -8.02 24.26 1.68
N GLU B 87 -8.10 23.81 2.94
CA GLU B 87 -7.64 24.66 4.04
C GLU B 87 -6.21 25.13 3.81
N CYS B 88 -5.34 24.23 3.35
CA CYS B 88 -3.96 24.62 3.05
C CYS B 88 -3.90 25.58 1.88
N HIS B 89 -4.79 25.42 0.90
CA HIS B 89 -4.82 26.33 -0.24
C HIS B 89 -5.19 27.74 0.19
N LYS B 90 -6.12 27.88 1.15
CA LYS B 90 -6.55 29.19 1.59
C LYS B 90 -5.54 29.83 2.55
N ASP B 91 -4.90 29.02 3.40
CA ASP B 91 -4.17 29.53 4.55
C ASP B 91 -2.66 29.52 4.38
N LYS B 92 -2.09 28.49 3.77
CA LYS B 92 -0.64 28.33 3.80
C LYS B 92 0.04 29.38 2.94
N LYS B 93 1.13 29.93 3.47
CA LYS B 93 1.99 30.87 2.76
C LYS B 93 3.43 30.41 2.88
N ASP B 94 4.26 30.82 1.92
CA ASP B 94 5.70 30.57 1.95
C ASP B 94 6.01 29.11 2.24
N PRO B 95 5.77 28.20 1.28
CA PRO B 95 5.14 28.46 -0.03
C PRO B 95 3.62 28.25 0.03
N GLY B 96 2.91 28.69 -1.00
CA GLY B 96 1.50 28.41 -1.08
C GLY B 96 1.23 26.96 -1.47
N HIS B 97 -0.04 26.57 -1.36
CA HIS B 97 -0.48 25.21 -1.66
C HIS B 97 -1.40 25.28 -2.88
N ALA B 98 -0.86 24.96 -4.05
CA ALA B 98 -1.64 24.96 -5.27
C ALA B 98 -2.52 23.72 -5.35
N VAL B 99 -3.60 23.82 -6.11
CA VAL B 99 -4.57 22.74 -6.23
C VAL B 99 -4.95 22.59 -7.70
N PHE B 100 -4.77 21.40 -8.25
CA PHE B 100 -5.09 21.10 -9.65
C PHE B 100 -6.16 20.01 -9.69
N PRO B 101 -7.41 20.36 -9.98
CA PRO B 101 -8.46 19.34 -10.03
C PRO B 101 -8.61 18.70 -11.40
N ILE B 102 -8.80 17.38 -11.40
CA ILE B 102 -9.06 16.61 -12.60
C ILE B 102 -10.44 15.99 -12.45
N PHE B 103 -11.31 16.20 -13.43
CA PHE B 103 -12.66 15.65 -13.43
C PHE B 103 -12.66 14.44 -14.35
N TYR B 104 -12.32 13.28 -13.78
CA TYR B 104 -12.13 12.06 -14.54
C TYR B 104 -13.49 11.41 -14.78
N HIS B 105 -14.03 11.59 -15.98
CA HIS B 105 -15.30 11.00 -16.36
C HIS B 105 -16.39 11.37 -15.36
N VAL B 106 -16.36 12.63 -14.93
CA VAL B 106 -17.39 13.20 -14.06
C VAL B 106 -17.62 14.64 -14.49
N ASP B 107 -18.88 15.03 -14.61
CA ASP B 107 -19.20 16.39 -14.99
C ASP B 107 -18.70 17.35 -13.92
N PRO B 108 -17.92 18.38 -14.29
CA PRO B 108 -17.47 19.34 -13.26
C PRO B 108 -18.60 19.91 -12.44
N SER B 109 -19.76 20.16 -13.05
CA SER B 109 -20.89 20.71 -12.31
C SER B 109 -21.43 19.71 -11.29
N HIS B 110 -21.24 18.41 -11.53
CA HIS B 110 -21.67 17.41 -10.56
C HIS B 110 -20.82 17.48 -9.30
N VAL B 111 -19.54 17.85 -9.43
CA VAL B 111 -18.70 18.03 -8.26
C VAL B 111 -18.99 19.38 -7.60
N ARG B 112 -19.06 20.44 -8.42
CA ARG B 112 -19.27 21.77 -7.89
C ARG B 112 -20.57 21.89 -7.12
N LYS B 113 -21.61 21.19 -7.57
CA LYS B 113 -22.95 21.31 -7.00
C LYS B 113 -23.42 20.04 -6.34
N GLN B 114 -22.57 19.02 -6.22
CA GLN B 114 -22.94 17.76 -5.61
C GLN B 114 -24.24 17.22 -6.21
N GLU B 115 -24.22 17.07 -7.53
CA GLU B 115 -25.36 16.58 -8.29
C GLU B 115 -24.98 15.31 -9.05
N GLY B 116 -25.99 14.62 -9.54
CA GLY B 116 -25.74 13.37 -10.24
C GLY B 116 -25.36 12.26 -9.29
N SER B 117 -24.70 11.25 -9.84
CA SER B 117 -24.20 10.15 -9.00
C SER B 117 -23.22 10.65 -7.96
N PHE B 118 -22.47 11.71 -8.28
CA PHE B 118 -21.57 12.30 -7.31
C PHE B 118 -22.33 12.77 -6.07
N GLY B 119 -23.42 13.51 -6.26
CA GLY B 119 -24.20 14.02 -5.15
C GLY B 119 -24.99 12.96 -4.42
N GLU B 120 -25.29 11.83 -5.08
CA GLU B 120 -25.98 10.75 -4.41
C GLU B 120 -25.19 10.23 -3.21
N ALA B 121 -23.88 10.46 -3.18
CA ALA B 121 -23.06 9.98 -2.08
C ALA B 121 -23.46 10.63 -0.76
N PHE B 122 -23.92 11.88 -0.81
CA PHE B 122 -24.25 12.58 0.43
C PHE B 122 -25.56 12.09 1.05
N ALA B 123 -26.40 11.39 0.27
CA ALA B 123 -27.60 10.80 0.83
C ALA B 123 -27.30 9.60 1.71
N GLY B 124 -26.12 8.99 1.56
CA GLY B 124 -25.73 7.83 2.33
C GLY B 124 -24.97 8.13 3.61
N TYR B 125 -24.86 9.40 4.00
CA TYR B 125 -24.15 9.78 5.21
C TYR B 125 -25.15 10.01 6.34
N GLY B 126 -24.93 9.32 7.45
CA GLY B 126 -25.83 9.40 8.58
C GLY B 126 -25.71 10.71 9.33
N GLU B 127 -26.47 10.79 10.43
CA GLU B 127 -26.47 12.00 11.25
C GLU B 127 -25.19 12.13 12.07
N ASN B 128 -24.47 11.02 12.29
CA ASN B 128 -23.20 11.10 13.00
C ASN B 128 -22.16 11.91 12.23
N LEU B 129 -22.31 12.02 10.90
CA LEU B 129 -21.41 12.79 10.06
C LEU B 129 -22.08 14.03 9.50
N LYS B 130 -23.05 14.58 10.23
CA LYS B 130 -23.81 15.72 9.73
C LYS B 130 -23.01 17.02 9.82
N ASP B 131 -22.24 17.20 10.90
CA ASP B 131 -21.41 18.39 11.01
C ASP B 131 -20.28 18.41 9.99
N LYS B 132 -20.00 17.28 9.35
CA LYS B 132 -18.95 17.22 8.34
C LYS B 132 -19.47 17.58 6.96
N ILE B 133 -20.76 17.34 6.69
CA ILE B 133 -21.29 17.52 5.34
C ILE B 133 -21.10 18.96 4.84
N PRO B 134 -21.45 20.06 5.58
CA PRO B 134 -21.20 21.40 5.07
C PRO B 134 -19.72 21.70 4.75
N ARG B 135 -18.79 21.13 5.52
CA ARG B 135 -17.34 21.35 5.25
C ARG B 135 -16.96 20.56 3.99
N TRP B 136 -17.52 19.38 3.82
CA TRP B 136 -17.26 18.56 2.61
C TRP B 136 -17.85 19.24 1.37
N ARG B 137 -19.08 19.72 1.46
CA ARG B 137 -19.70 20.39 0.32
C ARG B 137 -18.90 21.64 -0.07
N THR B 138 -18.48 22.43 0.91
CA THR B 138 -17.74 23.65 0.61
C THR B 138 -16.40 23.35 -0.03
N ALA B 139 -15.70 22.34 0.46
CA ALA B 139 -14.40 21.99 -0.13
C ALA B 139 -14.56 21.49 -1.56
N LEU B 140 -15.59 20.65 -1.81
CA LEU B 140 -15.85 20.21 -3.17
C LEU B 140 -16.14 21.39 -4.09
N THR B 141 -16.97 22.33 -3.63
CA THR B 141 -17.34 23.47 -4.46
C THR B 141 -16.15 24.37 -4.74
N GLU B 142 -15.32 24.63 -3.72
CA GLU B 142 -14.15 25.47 -3.92
C GLU B 142 -13.13 24.80 -4.82
N ALA B 143 -12.94 23.48 -4.68
CA ALA B 143 -11.99 22.78 -5.53
C ALA B 143 -12.49 22.75 -6.98
N ALA B 144 -13.80 22.59 -7.17
CA ALA B 144 -14.35 22.58 -8.52
C ALA B 144 -14.30 23.94 -9.18
N ASN B 145 -14.13 25.01 -8.40
CA ASN B 145 -14.06 26.37 -8.95
C ASN B 145 -12.63 26.81 -9.25
N LEU B 146 -11.66 25.91 -9.16
CA LEU B 146 -10.30 26.17 -9.59
C LEU B 146 -10.10 25.59 -10.99
N SER B 147 -9.27 26.28 -11.79
CA SER B 147 -9.03 25.85 -13.15
C SER B 147 -8.44 24.44 -13.16
N GLY B 148 -9.13 23.53 -13.84
CA GLY B 148 -8.69 22.14 -13.92
C GLY B 148 -8.87 21.54 -15.30
N TRP B 149 -9.01 20.22 -15.38
CA TRP B 149 -9.11 19.52 -16.66
C TRP B 149 -10.30 18.56 -16.63
N PRO B 150 -11.40 18.91 -17.29
CA PRO B 150 -12.47 17.92 -17.50
C PRO B 150 -12.03 16.86 -18.50
N LEU B 151 -12.19 15.60 -18.12
CA LEU B 151 -11.78 14.47 -18.94
C LEU B 151 -12.96 13.52 -19.09
N GLN B 152 -13.33 13.22 -20.34
CA GLN B 152 -14.37 12.24 -20.60
C GLN B 152 -14.01 11.39 -21.81
N ASP B 153 -13.74 12.03 -22.94
CA ASP B 153 -13.42 11.34 -24.18
C ASP B 153 -12.00 11.68 -24.61
N GLY B 154 -11.45 10.82 -25.45
CA GLY B 154 -10.13 11.02 -26.01
C GLY B 154 -9.10 10.06 -25.44
N TYR B 155 -7.93 10.08 -26.07
CA TYR B 155 -6.82 9.24 -25.66
C TYR B 155 -6.26 9.72 -24.33
N GLU B 156 -6.21 8.83 -23.34
CA GLU B 156 -5.87 9.24 -21.98
C GLU B 156 -4.40 9.60 -21.86
N SER B 157 -3.51 8.89 -22.55
CA SER B 157 -2.09 9.19 -22.46
C SER B 157 -1.81 10.62 -22.93
N ASN B 158 -2.51 11.06 -23.98
CA ASN B 158 -2.37 12.44 -24.42
C ASN B 158 -2.87 13.41 -23.36
N GLN B 159 -3.97 13.06 -22.69
CA GLN B 159 -4.51 13.94 -21.65
C GLN B 159 -3.58 14.02 -20.46
N ILE B 160 -2.98 12.89 -20.06
CA ILE B 160 -2.08 12.90 -18.92
C ILE B 160 -0.81 13.68 -19.26
N LYS B 161 -0.36 13.62 -20.51
CA LYS B 161 0.83 14.37 -20.89
C LYS B 161 0.57 15.87 -20.83
N GLU B 162 -0.58 16.32 -21.33
CA GLU B 162 -0.92 17.74 -21.25
C GLU B 162 -1.11 18.18 -19.81
N ILE B 163 -1.69 17.32 -18.97
CA ILE B 163 -1.94 17.68 -17.58
C ILE B 163 -0.63 17.79 -16.81
N THR B 164 0.24 16.77 -16.95
CA THR B 164 1.50 16.78 -16.21
C THR B 164 2.44 17.86 -16.73
N ASP B 165 2.43 18.11 -18.04
CA ASP B 165 3.21 19.21 -18.58
C ASP B 165 2.75 20.54 -17.98
N SER B 166 1.43 20.75 -17.93
CA SER B 166 0.89 21.98 -17.37
C SER B 166 1.22 22.08 -15.88
N ILE B 167 1.17 20.98 -15.15
CA ILE B 167 1.49 21.00 -13.73
C ILE B 167 2.97 21.28 -13.53
N PHE B 168 3.82 20.71 -14.37
CA PHE B 168 5.25 20.97 -14.27
C PHE B 168 5.56 22.45 -14.45
N ARG B 169 4.95 23.07 -15.47
CA ARG B 169 5.17 24.48 -15.70
C ARG B 169 4.71 25.32 -14.51
N ARG B 170 3.48 25.07 -14.04
CA ARG B 170 2.96 25.86 -12.92
C ARG B 170 3.80 25.67 -11.67
N LEU B 171 4.23 24.44 -11.39
CA LEU B 171 5.08 24.21 -10.23
C LEU B 171 6.44 24.88 -10.39
N LYS B 172 7.01 24.84 -11.59
CA LYS B 172 8.30 25.47 -11.82
C LYS B 172 8.20 26.99 -11.73
N CYS B 173 7.06 27.56 -12.13
CA CYS B 173 6.88 29.00 -12.02
C CYS B 173 6.78 29.44 -10.56
N LYS B 174 6.08 28.65 -9.73
CA LYS B 174 5.96 28.98 -8.32
C LYS B 174 7.32 28.94 -7.64
N ARG B 175 8.15 27.94 -7.97
CA ARG B 175 9.47 27.84 -7.37
C ARG B 175 10.38 28.98 -7.83
N LEU B 176 10.28 29.36 -9.10
CA LEU B 176 11.14 30.42 -9.62
C LEU B 176 10.72 31.80 -9.15
N ASP B 177 9.48 31.96 -8.68
CA ASP B 177 9.00 33.24 -8.21
C ASP B 177 9.30 33.44 -6.72
N ARG C 4 21.43 -16.19 -11.50
CA ARG C 4 20.08 -15.66 -11.45
C ARG C 4 20.07 -14.23 -10.93
N THR C 5 19.03 -13.47 -11.30
CA THR C 5 18.93 -12.06 -10.94
C THR C 5 18.37 -11.93 -9.53
N ILE C 6 19.13 -11.29 -8.63
CA ILE C 6 18.68 -10.97 -7.30
C ILE C 6 18.33 -9.49 -7.24
N THR C 7 17.28 -9.16 -6.50
CA THR C 7 16.86 -7.78 -6.32
C THR C 7 16.76 -7.39 -4.86
N TYR C 8 16.35 -8.32 -3.99
CA TYR C 8 16.29 -8.07 -2.56
C TYR C 8 17.03 -9.19 -1.83
N ASP C 9 17.46 -8.87 -0.61
CA ASP C 9 18.06 -9.90 0.23
C ASP C 9 17.01 -10.77 0.89
N VAL C 10 15.87 -10.18 1.24
CA VAL C 10 14.83 -10.88 2.00
C VAL C 10 13.48 -10.55 1.40
N PHE C 11 12.66 -11.57 1.20
CA PHE C 11 11.24 -11.40 0.91
C PHE C 11 10.47 -11.64 2.21
N LEU C 12 9.69 -10.66 2.62
CA LEU C 12 8.97 -10.72 3.89
C LEU C 12 7.57 -11.27 3.64
N SER C 13 7.30 -12.47 4.15
CA SER C 13 5.98 -13.09 4.07
C SER C 13 5.30 -12.98 5.43
N PHE C 14 4.05 -12.54 5.43
CA PHE C 14 3.33 -12.29 6.67
C PHE C 14 1.85 -12.15 6.37
N ARG C 15 1.04 -12.34 7.40
CA ARG C 15 -0.40 -12.11 7.32
C ARG C 15 -0.67 -10.68 7.77
N GLY C 16 -1.11 -9.83 6.83
CA GLY C 16 -1.21 -8.41 7.11
C GLY C 16 -2.13 -8.10 8.26
N GLU C 17 -3.33 -8.68 8.25
CA GLU C 17 -4.30 -8.40 9.30
C GLU C 17 -3.75 -8.70 10.69
N ASP C 18 -2.73 -9.55 10.80
CA ASP C 18 -2.16 -9.89 12.09
C ASP C 18 -1.01 -8.96 12.48
N THR C 19 -0.03 -8.79 11.59
CA THR C 19 1.24 -8.21 11.97
C THR C 19 1.73 -7.08 11.09
N ARG C 20 0.95 -6.65 10.09
CA ARG C 20 1.42 -5.60 9.18
C ARG C 20 1.73 -4.32 9.93
N PHE C 21 0.88 -3.94 10.88
CA PHE C 21 1.02 -2.67 11.58
C PHE C 21 1.90 -2.76 12.82
N ASN C 22 2.38 -3.95 13.19
CA ASN C 22 3.17 -4.08 14.41
C ASN C 22 4.46 -4.85 14.17
N PHE C 23 4.51 -6.13 14.56
CA PHE C 23 5.76 -6.88 14.57
C PHE C 23 6.46 -6.82 13.21
N THR C 24 5.71 -7.05 12.13
CA THR C 24 6.35 -7.10 10.82
C THR C 24 6.91 -5.73 10.43
N ASP C 25 6.20 -4.66 10.77
CA ASP C 25 6.72 -3.32 10.48
C ASP C 25 8.00 -3.05 11.28
N HIS C 26 8.01 -3.43 12.56
CA HIS C 26 9.23 -3.29 13.35
C HIS C 26 10.35 -4.18 12.79
N LEU C 27 9.99 -5.37 12.34
CA LEU C 27 10.99 -6.26 11.74
C LEU C 27 11.50 -5.69 10.42
N TYR C 28 10.60 -5.14 9.60
CA TYR C 28 11.01 -4.52 8.34
C TYR C 28 12.02 -3.40 8.61
N SER C 29 11.73 -2.54 9.58
CA SER C 29 12.63 -1.43 9.88
C SER C 29 13.98 -1.92 10.39
N ALA C 30 13.97 -2.92 11.28
CA ALA C 30 15.22 -3.44 11.82
C ALA C 30 16.08 -4.06 10.73
N LEU C 31 15.44 -4.74 9.76
CA LEU C 31 16.20 -5.31 8.64
C LEU C 31 16.85 -4.22 7.81
N GLY C 32 16.12 -3.14 7.54
CA GLY C 32 16.71 -2.02 6.81
C GLY C 32 17.87 -1.40 7.55
N ARG C 33 17.75 -1.30 8.88
CA ARG C 33 18.82 -0.71 9.68
C ARG C 33 20.12 -1.50 9.57
N ARG C 34 20.07 -2.74 9.09
CA ARG C 34 21.25 -3.56 8.92
C ARG C 34 21.65 -3.72 7.46
N GLY C 35 21.09 -2.91 6.56
CA GLY C 35 21.45 -2.98 5.16
C GLY C 35 20.94 -4.21 4.45
N ILE C 36 19.89 -4.84 4.99
CA ILE C 36 19.28 -6.01 4.35
C ILE C 36 18.11 -5.51 3.52
N ARG C 37 18.33 -5.43 2.20
CA ARG C 37 17.27 -4.99 1.30
C ARG C 37 16.10 -5.96 1.35
N THR C 38 14.96 -5.47 1.80
CA THR C 38 13.79 -6.31 2.06
C THR C 38 12.60 -5.86 1.24
N PHE C 39 11.90 -6.83 0.65
CA PHE C 39 10.65 -6.56 -0.04
C PHE C 39 9.50 -6.82 0.92
N ARG C 40 8.67 -5.80 1.13
CA ARG C 40 7.51 -5.88 2.02
C ARG C 40 6.33 -5.28 1.27
N ASP C 41 5.51 -6.12 0.67
CA ASP C 41 4.36 -5.66 -0.09
C ASP C 41 3.41 -4.88 0.81
N ASP C 42 3.39 -3.56 0.67
CA ASP C 42 2.46 -2.71 1.40
C ASP C 42 1.39 -2.11 0.49
N LYS C 43 1.36 -2.50 -0.78
CA LYS C 43 0.40 -1.96 -1.73
C LYS C 43 -0.88 -2.80 -1.73
N LEU C 44 -2.00 -2.12 -1.92
CA LEU C 44 -3.28 -2.82 -2.04
C LEU C 44 -3.29 -3.66 -3.31
N ARG C 45 -3.66 -4.93 -3.18
CA ARG C 45 -3.65 -5.87 -4.28
C ARG C 45 -5.04 -6.43 -4.52
N ARG C 46 -5.28 -6.84 -5.76
CA ARG C 46 -6.56 -7.44 -6.15
C ARG C 46 -6.31 -8.47 -7.23
N GLY C 47 -7.33 -9.28 -7.50
CA GLY C 47 -7.25 -10.31 -8.51
C GLY C 47 -7.48 -11.69 -7.94
N GLU C 48 -7.90 -12.62 -8.80
CA GLU C 48 -8.18 -13.99 -8.37
C GLU C 48 -6.92 -14.62 -7.78
N ALA C 49 -5.95 -14.90 -8.64
CA ALA C 49 -4.70 -15.51 -8.18
C ALA C 49 -3.86 -14.50 -7.42
N ILE C 50 -2.77 -14.99 -6.83
CA ILE C 50 -1.81 -14.11 -6.18
C ILE C 50 -1.19 -13.18 -7.22
N ALA C 51 -0.93 -11.95 -6.81
CA ALA C 51 -0.34 -10.97 -7.70
C ALA C 51 0.96 -11.52 -8.28
N PRO C 52 1.10 -11.65 -9.61
CA PRO C 52 2.36 -12.15 -10.17
C PRO C 52 3.56 -11.32 -9.78
N GLU C 53 3.37 -10.05 -9.39
CA GLU C 53 4.49 -9.23 -8.94
C GLU C 53 5.09 -9.78 -7.65
N LEU C 54 4.29 -10.47 -6.84
CA LEU C 54 4.81 -11.07 -5.61
C LEU C 54 5.68 -12.29 -5.93
N LEU C 55 5.19 -13.17 -6.81
CA LEU C 55 5.99 -14.32 -7.21
C LEU C 55 7.31 -13.89 -7.80
N LYS C 56 7.32 -12.78 -8.55
CA LYS C 56 8.57 -12.28 -9.12
C LYS C 56 9.51 -11.78 -8.02
N ALA C 57 8.96 -11.09 -7.02
CA ALA C 57 9.80 -10.62 -5.91
C ALA C 57 10.41 -11.78 -5.15
N ILE C 58 9.63 -12.83 -4.92
CA ILE C 58 10.17 -14.04 -4.30
C ILE C 58 11.32 -14.60 -5.14
N GLU C 59 11.11 -14.71 -6.45
CA GLU C 59 12.13 -15.28 -7.32
C GLU C 59 13.42 -14.47 -7.31
N GLU C 60 13.31 -13.15 -7.09
CA GLU C 60 14.46 -12.26 -7.14
C GLU C 60 15.00 -11.93 -5.75
N SER C 61 14.69 -12.75 -4.75
CA SER C 61 15.14 -12.53 -3.39
C SER C 61 16.11 -13.62 -2.98
N ARG C 62 17.17 -13.22 -2.26
CA ARG C 62 18.16 -14.20 -1.78
C ARG C 62 17.56 -15.13 -0.74
N SER C 63 16.54 -14.70 -0.03
CA SER C 63 15.95 -15.48 1.06
C SER C 63 14.54 -14.98 1.31
N SER C 64 13.84 -15.67 2.20
CA SER C 64 12.49 -15.29 2.60
C SER C 64 12.35 -15.42 4.11
N VAL C 65 11.77 -14.41 4.74
CA VAL C 65 11.46 -14.42 6.17
C VAL C 65 9.94 -14.55 6.29
N ILE C 66 9.49 -15.57 6.99
CA ILE C 66 8.07 -15.87 7.11
C ILE C 66 7.64 -15.60 8.55
N VAL C 67 6.75 -14.63 8.73
CA VAL C 67 6.15 -14.36 10.02
C VAL C 67 4.85 -15.16 10.08
N PHE C 68 4.93 -16.37 10.63
CA PHE C 68 3.74 -17.16 10.87
C PHE C 68 2.95 -16.54 12.03
N SER C 69 1.68 -16.25 11.78
CA SER C 69 0.78 -15.73 12.81
C SER C 69 -0.45 -16.61 12.87
N GLU C 70 -1.37 -16.29 13.79
CA GLU C 70 -2.49 -17.18 14.04
C GLU C 70 -3.34 -17.40 12.79
N ASN C 71 -3.49 -16.37 11.96
CA ASN C 71 -4.39 -16.41 10.81
C ASN C 71 -3.63 -16.45 9.48
N TYR C 72 -2.37 -16.87 9.50
CA TYR C 72 -1.57 -16.92 8.28
C TYR C 72 -2.18 -17.88 7.26
N ALA C 73 -2.60 -19.06 7.72
CA ALA C 73 -3.16 -20.07 6.82
C ALA C 73 -4.59 -19.74 6.40
N ARG C 74 -5.19 -18.68 6.91
CA ARG C 74 -6.52 -18.27 6.49
C ARG C 74 -6.50 -17.39 5.23
N SER C 75 -5.32 -16.99 4.78
CA SER C 75 -5.17 -16.19 3.57
C SER C 75 -4.58 -17.08 2.47
N ARG C 76 -5.35 -17.29 1.39
CA ARG C 76 -4.87 -18.14 0.31
C ARG C 76 -3.65 -17.53 -0.37
N TRP C 77 -3.50 -16.21 -0.32
CA TRP C 77 -2.36 -15.59 -0.97
C TRP C 77 -1.07 -15.82 -0.18
N CYS C 78 -1.15 -15.76 1.15
CA CYS C 78 0.01 -16.13 1.96
C CYS C 78 0.43 -17.56 1.69
N LEU C 79 -0.54 -18.48 1.60
CA LEU C 79 -0.21 -19.87 1.34
C LEU C 79 0.38 -20.06 -0.04
N ASP C 80 -0.20 -19.40 -1.05
CA ASP C 80 0.39 -19.44 -2.39
C ASP C 80 1.82 -18.93 -2.37
N ALA C 81 2.05 -17.80 -1.70
CA ALA C 81 3.40 -17.27 -1.61
C ALA C 81 4.33 -18.25 -0.93
N LEU C 82 3.85 -18.93 0.10
CA LEU C 82 4.68 -19.92 0.79
C LEU C 82 5.06 -21.06 -0.14
N VAL C 83 4.11 -21.55 -0.94
CA VAL C 83 4.42 -22.61 -1.90
C VAL C 83 5.53 -22.16 -2.84
N LYS C 84 5.43 -20.93 -3.35
CA LYS C 84 6.48 -20.41 -4.21
C LYS C 84 7.81 -20.30 -3.47
N ILE C 85 7.79 -19.83 -2.23
CA ILE C 85 9.01 -19.70 -1.46
C ILE C 85 9.67 -21.07 -1.26
N MET C 86 8.88 -22.05 -0.85
CA MET C 86 9.43 -23.38 -0.63
C MET C 86 9.91 -24.01 -1.93
N GLU C 87 9.19 -23.77 -3.03
CA GLU C 87 9.66 -24.25 -4.32
C GLU C 87 11.01 -23.63 -4.67
N CYS C 88 11.19 -22.34 -4.38
CA CYS C 88 12.48 -21.71 -4.63
C CYS C 88 13.54 -22.22 -3.67
N HIS C 89 13.16 -22.56 -2.43
CA HIS C 89 14.15 -23.05 -1.48
C HIS C 89 14.77 -24.36 -1.93
N LYS C 90 14.02 -25.18 -2.67
CA LYS C 90 14.52 -26.45 -3.17
C LYS C 90 15.18 -26.32 -4.54
N ASP C 91 14.60 -25.49 -5.41
CA ASP C 91 15.06 -25.42 -6.80
C ASP C 91 16.33 -24.58 -6.94
N LYS C 92 16.33 -23.38 -6.37
CA LYS C 92 17.31 -22.37 -6.75
C LYS C 92 18.71 -22.76 -6.36
N LYS C 93 19.68 -22.38 -7.21
CA LYS C 93 21.09 -22.64 -6.99
C LYS C 93 21.90 -21.44 -7.45
N ASP C 94 22.88 -21.05 -6.64
CA ASP C 94 23.81 -19.97 -6.96
C ASP C 94 23.10 -18.69 -7.36
N PRO C 95 22.63 -17.86 -6.40
CA PRO C 95 22.58 -18.22 -4.97
C PRO C 95 21.37 -19.10 -4.66
N GLY C 96 21.40 -19.77 -3.51
CA GLY C 96 20.23 -20.48 -3.05
C GLY C 96 19.23 -19.55 -2.42
N HIS C 97 18.07 -20.10 -2.10
CA HIS C 97 16.97 -19.36 -1.46
C HIS C 97 16.84 -19.87 -0.03
N ALA C 98 17.40 -19.12 0.92
CA ALA C 98 17.27 -19.46 2.32
C ALA C 98 15.88 -19.07 2.84
N VAL C 99 15.47 -19.73 3.90
CA VAL C 99 14.14 -19.52 4.49
C VAL C 99 14.28 -19.40 6.00
N PHE C 100 13.82 -18.29 6.54
CA PHE C 100 13.89 -18.00 7.98
C PHE C 100 12.48 -17.92 8.55
N PRO C 101 11.96 -18.99 9.17
CA PRO C 101 10.60 -18.94 9.70
C PRO C 101 10.53 -18.37 11.10
N ILE C 102 9.53 -17.52 11.32
CA ILE C 102 9.23 -16.92 12.62
C ILE C 102 7.84 -17.37 13.02
N PHE C 103 7.72 -17.94 14.23
CA PHE C 103 6.44 -18.41 14.76
C PHE C 103 5.98 -17.38 15.78
N TYR C 104 5.28 -16.35 15.28
CA TYR C 104 4.89 -15.21 16.10
C TYR C 104 3.60 -15.55 16.86
N HIS C 105 3.75 -15.94 18.13
CA HIS C 105 2.61 -16.24 18.99
C HIS C 105 1.75 -17.36 18.41
N VAL C 106 2.41 -18.35 17.80
CA VAL C 106 1.76 -19.55 17.31
C VAL C 106 2.70 -20.72 17.57
N ASP C 107 2.16 -21.80 18.10
CA ASP C 107 2.98 -22.97 18.39
C ASP C 107 3.59 -23.51 17.11
N PRO C 108 4.90 -23.72 17.05
CA PRO C 108 5.50 -24.31 15.83
C PRO C 108 4.82 -25.60 15.39
N SER C 109 4.38 -26.43 16.33
CA SER C 109 3.71 -27.66 15.96
C SER C 109 2.34 -27.41 15.32
N HIS C 110 1.73 -26.26 15.59
CA HIS C 110 0.46 -25.94 14.96
C HIS C 110 0.64 -25.61 13.49
N VAL C 111 1.78 -25.01 13.14
CA VAL C 111 2.09 -24.79 11.73
C VAL C 111 2.53 -26.09 11.07
N ARG C 112 3.38 -26.86 11.75
CA ARG C 112 3.93 -28.07 11.16
C ARG C 112 2.85 -29.10 10.88
N LYS C 113 1.84 -29.18 11.75
CA LYS C 113 0.81 -30.19 11.65
C LYS C 113 -0.56 -29.61 11.33
N GLN C 114 -0.65 -28.30 11.09
CA GLN C 114 -1.91 -27.63 10.82
C GLN C 114 -2.94 -27.97 11.89
N GLU C 115 -2.56 -27.69 13.13
CA GLU C 115 -3.39 -27.95 14.30
C GLU C 115 -3.73 -26.64 15.00
N GLY C 116 -4.71 -26.71 15.91
CA GLY C 116 -5.13 -25.53 16.62
C GLY C 116 -5.81 -24.53 15.70
N SER C 117 -5.66 -23.24 16.04
CA SER C 117 -6.27 -22.19 15.24
C SER C 117 -5.69 -22.16 13.83
N PHE C 118 -4.43 -22.59 13.68
CA PHE C 118 -3.83 -22.66 12.34
C PHE C 118 -4.59 -23.65 11.47
N GLY C 119 -4.88 -24.83 12.00
CA GLY C 119 -5.55 -25.85 11.21
C GLY C 119 -7.02 -25.56 10.98
N GLU C 120 -7.65 -24.82 11.88
CA GLU C 120 -9.04 -24.45 11.67
C GLU C 120 -9.23 -23.70 10.36
N ALA C 121 -8.19 -23.01 9.89
CA ALA C 121 -8.30 -22.28 8.63
C ALA C 121 -8.57 -23.20 7.46
N PHE C 122 -8.04 -24.42 7.49
CA PHE C 122 -8.21 -25.33 6.35
C PHE C 122 -9.63 -25.86 6.24
N ALA C 123 -10.41 -25.80 7.32
CA ALA C 123 -11.81 -26.19 7.23
C ALA C 123 -12.63 -25.20 6.42
N GLY C 124 -12.21 -23.94 6.36
CA GLY C 124 -12.94 -22.92 5.66
C GLY C 124 -12.52 -22.76 4.20
N TYR C 125 -12.05 -23.83 3.59
CA TYR C 125 -11.69 -23.84 2.18
C TYR C 125 -12.61 -24.81 1.43
N GLY C 126 -13.10 -24.38 0.28
CA GLY C 126 -14.06 -25.16 -0.48
C GLY C 126 -13.41 -26.18 -1.38
N GLU C 127 -14.25 -26.88 -2.13
CA GLU C 127 -13.76 -27.83 -3.13
C GLU C 127 -13.09 -27.10 -4.30
N ASN C 128 -13.42 -25.83 -4.51
CA ASN C 128 -12.75 -25.04 -5.54
C ASN C 128 -11.26 -24.94 -5.25
N LEU C 129 -10.89 -24.77 -3.97
CA LEU C 129 -9.49 -24.66 -3.55
C LEU C 129 -8.98 -25.96 -2.94
N LYS C 130 -9.61 -27.10 -3.26
CA LYS C 130 -9.22 -28.35 -2.63
C LYS C 130 -7.89 -28.82 -3.19
N ASP C 131 -7.73 -28.79 -4.51
CA ASP C 131 -6.52 -29.29 -5.14
C ASP C 131 -5.27 -28.56 -4.69
N LYS C 132 -5.41 -27.35 -4.11
CA LYS C 132 -4.28 -26.62 -3.58
C LYS C 132 -3.92 -26.95 -2.14
N ILE C 133 -4.86 -27.52 -1.38
CA ILE C 133 -4.63 -27.77 0.04
C ILE C 133 -3.40 -28.67 0.26
N PRO C 134 -3.24 -29.86 -0.39
CA PRO C 134 -2.07 -30.69 -0.12
C PRO C 134 -0.74 -29.96 -0.35
N ARG C 135 -0.69 -29.06 -1.33
CA ARG C 135 0.55 -28.28 -1.60
C ARG C 135 0.76 -27.28 -0.47
N TRP C 136 -0.31 -26.62 -0.03
CA TRP C 136 -0.24 -25.68 1.10
C TRP C 136 0.21 -26.40 2.37
N ARG C 137 -0.40 -27.54 2.70
CA ARG C 137 0.00 -28.28 3.89
C ARG C 137 1.46 -28.72 3.80
N THR C 138 1.88 -29.22 2.63
CA THR C 138 3.27 -29.64 2.46
C THR C 138 4.21 -28.45 2.61
N ALA C 139 3.80 -27.28 2.12
CA ALA C 139 4.66 -26.09 2.24
C ALA C 139 4.76 -25.62 3.68
N LEU C 140 3.65 -25.64 4.41
CA LEU C 140 3.69 -25.29 5.83
C LEU C 140 4.59 -26.25 6.61
N THR C 141 4.42 -27.55 6.38
CA THR C 141 5.21 -28.54 7.09
C THR C 141 6.69 -28.40 6.78
N GLU C 142 7.04 -28.21 5.51
CA GLU C 142 8.44 -28.07 5.14
C GLU C 142 9.05 -26.80 5.74
N ALA C 143 8.31 -25.68 5.69
CA ALA C 143 8.82 -24.44 6.26
C ALA C 143 8.97 -24.54 7.77
N ALA C 144 8.03 -25.21 8.43
CA ALA C 144 8.10 -25.35 9.89
C ALA C 144 9.22 -26.27 10.32
N ASN C 145 9.74 -27.10 9.41
CA ASN C 145 10.83 -28.02 9.72
C ASN C 145 12.19 -27.40 9.46
N LEU C 146 12.25 -26.09 9.25
CA LEU C 146 13.51 -25.37 9.14
C LEU C 146 13.77 -24.60 10.43
N SER C 147 15.05 -24.51 10.80
CA SER C 147 15.43 -23.81 12.02
C SER C 147 14.93 -22.37 11.98
N GLY C 148 14.13 -22.00 12.97
CA GLY C 148 13.60 -20.66 13.06
C GLY C 148 13.54 -20.14 14.49
N TRP C 149 12.63 -19.22 14.76
CA TRP C 149 12.51 -18.58 16.07
C TRP C 149 11.08 -18.67 16.57
N PRO C 150 10.78 -19.57 17.50
CA PRO C 150 9.47 -19.52 18.19
C PRO C 150 9.41 -18.30 19.08
N LEU C 151 8.39 -17.46 18.89
CA LEU C 151 8.21 -16.24 19.65
C LEU C 151 6.88 -16.31 20.37
N GLN C 152 6.91 -16.18 21.70
CA GLN C 152 5.69 -16.16 22.49
C GLN C 152 5.77 -15.09 23.58
N ASP C 153 6.79 -15.14 24.42
CA ASP C 153 6.95 -14.20 25.52
C ASP C 153 8.27 -13.46 25.38
N GLY C 154 8.38 -12.37 26.12
CA GLY C 154 9.60 -11.59 26.20
C GLY C 154 9.50 -10.29 25.43
N TYR C 155 10.58 -9.52 25.53
CA TYR C 155 10.66 -8.20 24.91
C TYR C 155 10.90 -8.35 23.41
N GLU C 156 9.99 -7.80 22.60
CA GLU C 156 10.03 -8.06 21.17
C GLU C 156 11.24 -7.40 20.51
N SER C 157 11.61 -6.20 20.95
CA SER C 157 12.73 -5.51 20.30
C SER C 157 14.02 -6.33 20.43
N ASN C 158 14.21 -7.01 21.55
CA ASN C 158 15.37 -7.88 21.70
C ASN C 158 15.26 -9.10 20.80
N GLN C 159 14.05 -9.66 20.68
CA GLN C 159 13.86 -10.80 19.80
C GLN C 159 14.09 -10.42 18.35
N ILE C 160 13.61 -9.25 17.93
CA ILE C 160 13.81 -8.79 16.56
C ILE C 160 15.29 -8.52 16.30
N LYS C 161 15.98 -7.90 17.26
CA LYS C 161 17.39 -7.62 17.09
C LYS C 161 18.19 -8.92 16.91
N GLU C 162 17.85 -9.94 17.69
CA GLU C 162 18.56 -11.21 17.58
C GLU C 162 18.21 -11.92 16.27
N ILE C 163 16.96 -11.82 15.83
CA ILE C 163 16.56 -12.47 14.57
C ILE C 163 17.26 -11.80 13.39
N THR C 164 17.24 -10.46 13.36
CA THR C 164 17.85 -9.76 12.23
C THR C 164 19.37 -9.89 12.24
N ASP C 165 19.98 -9.96 13.43
CA ASP C 165 21.41 -10.20 13.51
C ASP C 165 21.76 -11.56 12.93
N SER C 166 20.94 -12.59 13.23
CA SER C 166 21.19 -13.92 12.69
C SER C 166 20.99 -13.93 11.18
N ILE C 167 19.97 -13.22 10.69
CA ILE C 167 19.76 -13.11 9.25
C ILE C 167 20.94 -12.36 8.61
N PHE C 168 21.47 -11.37 9.32
CA PHE C 168 22.60 -10.62 8.79
C PHE C 168 23.82 -11.52 8.60
N ARG C 169 24.01 -12.49 9.49
CA ARG C 169 25.18 -13.35 9.42
C ARG C 169 25.08 -14.33 8.24
N ARG C 170 23.91 -14.94 8.05
CA ARG C 170 23.75 -15.88 6.95
C ARG C 170 23.73 -15.22 5.58
N LEU C 171 23.56 -13.89 5.52
CA LEU C 171 23.44 -13.19 4.25
C LEU C 171 24.58 -12.22 3.97
N LYS C 172 25.15 -11.59 5.00
CA LYS C 172 26.15 -10.53 4.81
C LYS C 172 27.52 -10.91 5.32
N CYS C 173 27.73 -12.15 5.73
CA CYS C 173 29.03 -12.60 6.22
C CYS C 173 29.57 -13.75 5.36
N ARG D 4 12.38 -7.41 -48.11
CA ARG D 4 11.49 -7.31 -46.92
C ARG D 4 11.39 -5.85 -46.46
N THR D 5 10.27 -5.19 -46.73
CA THR D 5 10.09 -3.80 -46.22
C THR D 5 9.67 -3.82 -44.75
N ILE D 6 10.44 -3.15 -43.89
CA ILE D 6 10.10 -3.07 -42.48
C ILE D 6 9.88 -1.60 -42.14
N THR D 7 8.68 -1.26 -41.69
CA THR D 7 8.32 0.10 -41.35
C THR D 7 8.16 0.32 -39.85
N TYR D 8 7.62 -0.65 -39.11
CA TYR D 8 7.38 -0.51 -37.69
C TYR D 8 8.04 -1.65 -36.93
N ASP D 9 8.36 -1.39 -35.66
CA ASP D 9 8.83 -2.45 -34.78
C ASP D 9 7.68 -3.26 -34.21
N VAL D 10 6.47 -2.69 -34.12
CA VAL D 10 5.34 -3.33 -33.47
C VAL D 10 4.06 -2.89 -34.16
N PHE D 11 3.23 -3.87 -34.51
CA PHE D 11 1.86 -3.61 -34.93
C PHE D 11 0.95 -3.89 -33.74
N LEU D 12 0.17 -2.88 -33.33
CA LEU D 12 -0.67 -2.98 -32.15
C LEU D 12 -2.06 -3.44 -32.58
N SER D 13 -2.43 -4.65 -32.19
CA SER D 13 -3.77 -5.19 -32.43
C SER D 13 -4.56 -5.10 -31.15
N PHE D 14 -5.78 -4.58 -31.24
CA PHE D 14 -6.60 -4.33 -30.05
C PHE D 14 -8.04 -4.16 -30.47
N ARG D 15 -8.94 -4.31 -29.50
CA ARG D 15 -10.37 -4.07 -29.69
C ARG D 15 -10.66 -2.66 -29.22
N GLY D 16 -10.97 -1.78 -30.18
CA GLY D 16 -11.10 -0.37 -29.86
C GLY D 16 -12.14 -0.09 -28.79
N GLU D 17 -13.31 -0.71 -28.93
CA GLU D 17 -14.39 -0.49 -27.97
C GLU D 17 -13.94 -0.79 -26.55
N ASP D 18 -12.94 -1.66 -26.38
CA ASP D 18 -12.52 -2.06 -25.04
C ASP D 18 -11.39 -1.20 -24.49
N THR D 19 -10.33 -0.98 -25.28
CA THR D 19 -9.08 -0.45 -24.74
C THR D 19 -8.48 0.67 -25.59
N ARG D 20 -9.20 1.21 -26.56
CA ARG D 20 -8.62 2.21 -27.45
C ARG D 20 -8.07 3.40 -26.67
N PHE D 21 -8.92 4.03 -25.87
CA PHE D 21 -8.56 5.29 -25.24
C PHE D 21 -7.87 5.14 -23.89
N ASN D 22 -7.74 3.92 -23.37
CA ASN D 22 -7.20 3.72 -22.04
C ASN D 22 -5.95 2.85 -22.15
N PHE D 23 -6.04 1.55 -21.82
CA PHE D 23 -4.84 0.74 -21.64
C PHE D 23 -3.97 0.73 -22.89
N THR D 24 -4.57 0.47 -24.05
CA THR D 24 -3.77 0.37 -25.27
C THR D 24 -3.11 1.68 -25.63
N ASP D 25 -3.74 2.81 -25.30
CA ASP D 25 -3.10 4.10 -25.55
C ASP D 25 -1.91 4.32 -24.62
N HIS D 26 -2.08 3.98 -23.34
CA HIS D 26 -0.94 4.05 -22.42
C HIS D 26 0.18 3.12 -22.86
N LEU D 27 -0.18 1.92 -23.33
CA LEU D 27 0.82 1.00 -23.87
C LEU D 27 1.49 1.59 -25.10
N TYR D 28 0.70 2.18 -25.99
CA TYR D 28 1.26 2.83 -27.18
C TYR D 28 2.31 3.86 -26.79
N SER D 29 1.98 4.73 -25.83
CA SER D 29 2.92 5.77 -25.44
C SER D 29 4.17 5.19 -24.79
N ALA D 30 4.01 4.16 -23.96
CA ALA D 30 5.17 3.56 -23.32
C ALA D 30 6.12 2.95 -24.35
N LEU D 31 5.57 2.32 -25.39
CA LEU D 31 6.43 1.75 -26.43
C LEU D 31 7.21 2.85 -27.14
N GLY D 32 6.55 3.95 -27.49
CA GLY D 32 7.25 5.07 -28.10
C GLY D 32 8.32 5.65 -27.20
N ARG D 33 8.03 5.73 -25.89
CA ARG D 33 9.03 6.25 -24.96
C ARG D 33 10.31 5.43 -25.01
N ARG D 34 10.20 4.13 -25.30
CA ARG D 34 11.36 3.26 -25.39
C ARG D 34 11.99 3.24 -26.77
N GLY D 35 11.48 4.05 -27.70
CA GLY D 35 12.01 4.05 -29.05
C GLY D 35 11.55 2.92 -29.91
N ILE D 36 10.40 2.32 -29.60
CA ILE D 36 9.84 1.21 -30.37
C ILE D 36 8.76 1.80 -31.28
N ARG D 37 9.06 1.92 -32.57
CA ARG D 37 8.11 2.49 -33.51
C ARG D 37 6.91 1.56 -33.64
N THR D 38 5.72 2.10 -33.39
CA THR D 38 4.50 1.30 -33.25
C THR D 38 3.42 1.84 -34.16
N PHE D 39 2.73 0.94 -34.84
CA PHE D 39 1.54 1.29 -35.60
C PHE D 39 0.32 1.05 -34.71
N ARG D 40 -0.41 2.13 -34.43
CA ARG D 40 -1.65 2.07 -33.66
C ARG D 40 -2.71 2.78 -34.49
N ASP D 41 -3.60 2.00 -35.10
CA ASP D 41 -4.59 2.57 -36.01
C ASP D 41 -5.49 3.55 -35.27
N ASP D 42 -5.63 4.75 -35.83
CA ASP D 42 -6.53 5.77 -35.30
C ASP D 42 -7.46 6.32 -36.36
N LYS D 43 -7.46 5.74 -37.56
CA LYS D 43 -8.25 6.26 -38.66
C LYS D 43 -9.69 5.77 -38.57
N LEU D 44 -10.59 6.52 -39.23
CA LEU D 44 -11.97 6.10 -39.40
C LEU D 44 -12.03 5.09 -40.53
N ARG D 45 -12.57 3.90 -40.25
CA ARG D 45 -12.62 2.81 -41.21
C ARG D 45 -14.06 2.34 -41.37
N ARG D 46 -14.41 1.98 -42.60
CA ARG D 46 -15.75 1.47 -42.90
C ARG D 46 -15.62 0.32 -43.90
N GLY D 47 -16.69 -0.44 -44.02
CA GLY D 47 -16.76 -1.54 -44.96
C GLY D 47 -16.82 -2.89 -44.26
N GLU D 48 -16.72 -3.94 -45.07
CA GLU D 48 -16.84 -5.31 -44.61
C GLU D 48 -15.49 -6.00 -44.51
N ALA D 49 -14.70 -5.96 -45.57
CA ALA D 49 -13.35 -6.51 -45.51
C ALA D 49 -12.44 -5.60 -44.68
N ILE D 50 -11.46 -6.22 -44.03
CA ILE D 50 -10.48 -5.44 -43.28
C ILE D 50 -9.73 -4.54 -44.23
N ALA D 51 -9.45 -3.33 -43.78
CA ALA D 51 -8.74 -2.36 -44.61
C ALA D 51 -7.40 -2.94 -45.04
N PRO D 52 -7.08 -2.93 -46.34
CA PRO D 52 -5.77 -3.48 -46.76
C PRO D 52 -4.60 -2.77 -46.13
N GLU D 53 -4.76 -1.49 -45.77
CA GLU D 53 -3.66 -0.76 -45.13
C GLU D 53 -3.25 -1.40 -43.82
N LEU D 54 -4.20 -1.99 -43.09
CA LEU D 54 -3.87 -2.70 -41.87
C LEU D 54 -3.08 -3.98 -42.18
N LEU D 55 -3.49 -4.72 -43.20
CA LEU D 55 -2.73 -5.91 -43.59
C LEU D 55 -1.33 -5.54 -44.05
N LYS D 56 -1.19 -4.44 -44.80
CA LYS D 56 0.13 -3.99 -45.21
C LYS D 56 0.97 -3.62 -44.00
N ALA D 57 0.37 -2.97 -43.00
CA ALA D 57 1.12 -2.58 -41.81
C ALA D 57 1.63 -3.79 -41.05
N ILE D 58 0.81 -4.86 -40.98
CA ILE D 58 1.25 -6.09 -40.33
C ILE D 58 2.45 -6.68 -41.08
N GLU D 59 2.39 -6.69 -42.41
CA GLU D 59 3.49 -7.24 -43.19
C GLU D 59 4.77 -6.44 -43.01
N GLU D 60 4.65 -5.15 -42.71
CA GLU D 60 5.80 -4.26 -42.61
C GLU D 60 6.24 -4.02 -41.16
N SER D 61 5.80 -4.87 -40.24
CA SER D 61 6.16 -4.76 -38.84
C SER D 61 7.06 -5.92 -38.43
N ARG D 62 8.04 -5.63 -37.56
CA ARG D 62 8.90 -6.69 -37.05
C ARG D 62 8.17 -7.61 -36.08
N SER D 63 7.07 -7.15 -35.47
CA SER D 63 6.35 -7.95 -34.49
C SER D 63 4.97 -7.35 -34.31
N SER D 64 4.13 -8.07 -33.57
CA SER D 64 2.78 -7.61 -33.24
C SER D 64 2.53 -7.82 -31.76
N VAL D 65 1.87 -6.85 -31.15
CA VAL D 65 1.39 -6.94 -29.77
C VAL D 65 -0.13 -6.99 -29.81
N ILE D 66 -0.70 -8.01 -29.19
CA ILE D 66 -2.14 -8.24 -29.22
C ILE D 66 -2.69 -7.96 -27.83
N VAL D 67 -3.60 -6.99 -27.74
CA VAL D 67 -4.32 -6.70 -26.51
C VAL D 67 -5.64 -7.44 -26.61
N PHE D 68 -5.65 -8.68 -26.15
CA PHE D 68 -6.90 -9.42 -26.05
C PHE D 68 -7.76 -8.82 -24.96
N SER D 69 -9.04 -8.60 -25.27
CA SER D 69 -9.98 -8.05 -24.31
C SER D 69 -11.28 -8.83 -24.43
N GLU D 70 -12.25 -8.49 -23.57
CA GLU D 70 -13.46 -9.29 -23.46
C GLU D 70 -14.16 -9.45 -24.82
N ASN D 71 -14.20 -8.38 -25.62
CA ASN D 71 -14.96 -8.37 -26.86
C ASN D 71 -14.07 -8.39 -28.10
N TYR D 72 -12.81 -8.81 -27.95
CA TYR D 72 -11.90 -8.84 -29.09
C TYR D 72 -12.44 -9.72 -30.21
N ALA D 73 -12.96 -10.90 -29.87
CA ALA D 73 -13.46 -11.83 -30.88
C ALA D 73 -14.81 -11.43 -31.45
N ARG D 74 -15.43 -10.38 -30.93
CA ARG D 74 -16.70 -9.90 -31.49
C ARG D 74 -16.51 -9.00 -32.70
N SER D 75 -15.27 -8.66 -33.05
CA SER D 75 -14.98 -7.82 -34.21
C SER D 75 -14.29 -8.65 -35.28
N ARG D 76 -14.96 -8.79 -36.43
CA ARG D 76 -14.38 -9.53 -37.54
C ARG D 76 -13.03 -8.97 -37.96
N TRP D 77 -12.87 -7.65 -37.89
CA TRP D 77 -11.62 -7.04 -38.32
C TRP D 77 -10.47 -7.45 -37.41
N CYS D 78 -10.71 -7.47 -36.09
CA CYS D 78 -9.67 -7.92 -35.17
C CYS D 78 -9.26 -9.36 -35.48
N LEU D 79 -10.23 -10.24 -35.71
CA LEU D 79 -9.92 -11.63 -35.99
C LEU D 79 -9.19 -11.79 -37.32
N ASP D 80 -9.63 -11.04 -38.34
CA ASP D 80 -8.93 -11.07 -39.62
C ASP D 80 -7.50 -10.57 -39.47
N ALA D 81 -7.29 -9.49 -38.70
CA ALA D 81 -5.94 -9.02 -38.46
C ALA D 81 -5.12 -10.06 -37.71
N LEU D 82 -5.75 -10.79 -36.79
CA LEU D 82 -5.03 -11.83 -36.06
C LEU D 82 -4.58 -12.95 -37.00
N VAL D 83 -5.47 -13.37 -37.90
CA VAL D 83 -5.10 -14.42 -38.86
C VAL D 83 -3.88 -13.98 -39.66
N LYS D 84 -3.90 -12.73 -40.14
CA LYS D 84 -2.74 -12.19 -40.85
C LYS D 84 -1.51 -12.17 -39.95
N ILE D 85 -1.67 -11.74 -38.70
CA ILE D 85 -0.54 -11.68 -37.78
C ILE D 85 0.06 -13.08 -37.58
N MET D 86 -0.79 -14.09 -37.40
CA MET D 86 -0.30 -15.43 -37.14
C MET D 86 0.33 -16.03 -38.40
N GLU D 87 -0.24 -15.75 -39.57
CA GLU D 87 0.38 -16.19 -40.82
C GLU D 87 1.80 -15.65 -40.93
N CYS D 88 1.99 -14.37 -40.60
CA CYS D 88 3.33 -13.79 -40.65
C CYS D 88 4.26 -14.46 -39.64
N HIS D 89 3.74 -14.75 -38.44
CA HIS D 89 4.58 -15.36 -37.42
C HIS D 89 5.12 -16.71 -37.87
N LYS D 90 4.35 -17.45 -38.67
CA LYS D 90 4.74 -18.78 -39.10
C LYS D 90 5.58 -18.80 -40.36
N ASP D 91 5.35 -17.86 -41.27
CA ASP D 91 5.94 -17.91 -42.61
C ASP D 91 7.12 -16.98 -42.80
N LYS D 92 7.13 -15.84 -42.10
CA LYS D 92 8.15 -14.80 -42.35
C LYS D 92 9.48 -15.15 -41.69
N LYS D 93 10.57 -14.82 -42.38
CA LYS D 93 11.93 -15.13 -41.87
C LYS D 93 12.85 -13.99 -42.30
N ASP D 94 13.85 -13.67 -41.47
CA ASP D 94 14.85 -12.60 -41.80
C ASP D 94 14.13 -11.34 -42.30
N PRO D 95 13.67 -10.45 -41.40
CA PRO D 95 13.46 -10.77 -40.00
C PRO D 95 12.17 -11.56 -39.77
N GLY D 96 12.09 -12.30 -38.68
CA GLY D 96 10.84 -13.00 -38.34
C GLY D 96 9.82 -12.04 -37.75
N HIS D 97 8.58 -12.51 -37.55
CA HIS D 97 7.50 -11.67 -36.97
C HIS D 97 7.13 -12.20 -35.58
N ALA D 98 7.72 -11.63 -34.54
CA ALA D 98 7.38 -12.03 -33.18
C ALA D 98 5.97 -11.59 -32.84
N VAL D 99 5.36 -12.30 -31.89
CA VAL D 99 3.98 -12.04 -31.47
C VAL D 99 3.96 -12.03 -29.95
N PHE D 100 3.54 -10.90 -29.37
CA PHE D 100 3.47 -10.72 -27.92
C PHE D 100 2.00 -10.62 -27.51
N PRO D 101 1.40 -11.67 -26.97
CA PRO D 101 0.00 -11.60 -26.57
C PRO D 101 -0.19 -11.04 -25.16
N ILE D 102 -1.16 -10.13 -25.03
CA ILE D 102 -1.55 -9.56 -23.75
C ILE D 102 -2.99 -9.95 -23.50
N PHE D 103 -3.25 -10.60 -22.37
CA PHE D 103 -4.59 -11.00 -21.98
C PHE D 103 -5.11 -9.97 -20.96
N TYR D 104 -5.66 -8.88 -21.50
CA TYR D 104 -6.05 -7.74 -20.68
C TYR D 104 -7.41 -8.04 -20.04
N HIS D 105 -7.38 -8.43 -18.76
CA HIS D 105 -8.60 -8.71 -18.00
C HIS D 105 -9.43 -9.81 -18.65
N VAL D 106 -8.77 -10.77 -19.29
CA VAL D 106 -9.42 -11.94 -19.86
C VAL D 106 -8.60 -13.16 -19.51
N ASP D 107 -9.26 -14.24 -19.14
CA ASP D 107 -8.57 -15.48 -18.86
C ASP D 107 -7.88 -15.97 -20.14
N PRO D 108 -6.58 -16.29 -20.10
CA PRO D 108 -5.93 -16.81 -21.30
C PRO D 108 -6.63 -18.03 -21.88
N SER D 109 -7.16 -18.91 -21.02
CA SER D 109 -7.85 -20.10 -21.51
C SER D 109 -9.15 -19.75 -22.21
N HIS D 110 -9.76 -18.60 -21.88
CA HIS D 110 -10.93 -18.15 -22.63
C HIS D 110 -10.57 -17.86 -24.07
N VAL D 111 -9.38 -17.31 -24.30
CA VAL D 111 -8.92 -17.05 -25.67
C VAL D 111 -8.45 -18.33 -26.32
N ARG D 112 -7.72 -19.16 -25.59
CA ARG D 112 -7.15 -20.37 -26.17
C ARG D 112 -8.22 -21.34 -26.60
N LYS D 113 -9.32 -21.41 -25.86
CA LYS D 113 -10.38 -22.38 -26.11
C LYS D 113 -11.69 -21.73 -26.55
N GLN D 114 -11.72 -20.41 -26.73
CA GLN D 114 -12.93 -19.69 -27.12
C GLN D 114 -14.07 -20.05 -26.18
N GLU D 115 -13.84 -19.79 -24.89
CA GLU D 115 -14.82 -20.04 -23.84
C GLU D 115 -15.21 -18.73 -23.17
N GLY D 116 -16.28 -18.78 -22.40
CA GLY D 116 -16.73 -17.60 -21.68
C GLY D 116 -17.26 -16.54 -22.63
N SER D 117 -17.21 -15.28 -22.17
CA SER D 117 -17.65 -14.18 -23.01
C SER D 117 -16.85 -14.10 -24.30
N PHE D 118 -15.60 -14.55 -24.27
CA PHE D 118 -14.80 -14.60 -25.48
C PHE D 118 -15.41 -15.55 -26.50
N GLY D 119 -15.85 -16.73 -26.05
CA GLY D 119 -16.47 -17.70 -26.94
C GLY D 119 -17.88 -17.36 -27.35
N GLU D 120 -18.58 -16.56 -26.54
CA GLU D 120 -19.93 -16.14 -26.93
C GLU D 120 -19.93 -15.41 -28.26
N ALA D 121 -18.82 -14.73 -28.59
CA ALA D 121 -18.75 -13.96 -29.82
C ALA D 121 -19.00 -14.84 -31.04
N PHE D 122 -18.55 -16.09 -31.01
CA PHE D 122 -18.67 -16.95 -32.18
C PHE D 122 -20.12 -17.39 -32.41
N ALA D 123 -20.94 -17.42 -31.36
CA ALA D 123 -22.34 -17.76 -31.54
C ALA D 123 -23.04 -16.76 -32.45
N GLY D 124 -22.61 -15.50 -32.42
CA GLY D 124 -23.21 -14.46 -33.23
C GLY D 124 -22.71 -14.39 -34.66
N TYR D 125 -21.84 -15.30 -35.07
CA TYR D 125 -21.35 -15.36 -36.44
C TYR D 125 -22.16 -16.41 -37.20
N GLY D 126 -22.79 -15.99 -38.29
CA GLY D 126 -23.70 -16.84 -39.04
C GLY D 126 -22.98 -17.69 -40.07
N GLU D 127 -23.78 -18.32 -40.94
CA GLU D 127 -23.22 -19.20 -41.95
C GLU D 127 -22.53 -18.42 -43.06
N ASN D 128 -22.81 -17.12 -43.18
CA ASN D 128 -22.10 -16.29 -44.15
C ASN D 128 -20.62 -16.19 -43.82
N LEU D 129 -20.27 -16.26 -42.53
CA LEU D 129 -18.89 -16.24 -42.09
C LEU D 129 -18.44 -17.60 -41.55
N LYS D 130 -19.21 -18.65 -41.79
CA LYS D 130 -18.83 -19.97 -41.27
C LYS D 130 -17.48 -20.42 -41.82
N ASP D 131 -17.13 -20.01 -43.03
CA ASP D 131 -15.89 -20.50 -43.61
C ASP D 131 -14.66 -19.82 -43.02
N LYS D 132 -14.83 -18.72 -42.28
CA LYS D 132 -13.72 -18.04 -41.64
C LYS D 132 -13.56 -18.45 -40.18
N ILE D 133 -14.61 -19.02 -39.57
CA ILE D 133 -14.54 -19.34 -38.14
C ILE D 133 -13.37 -20.26 -37.82
N PRO D 134 -13.09 -21.39 -38.54
CA PRO D 134 -11.97 -22.23 -38.15
C PRO D 134 -10.62 -21.51 -38.16
N ARG D 135 -10.41 -20.59 -39.10
CA ARG D 135 -9.13 -19.88 -39.21
C ARG D 135 -9.03 -18.90 -38.04
N TRP D 136 -10.15 -18.28 -37.68
CA TRP D 136 -10.19 -17.39 -36.49
C TRP D 136 -9.87 -18.21 -35.23
N ARG D 137 -10.55 -19.34 -35.01
CA ARG D 137 -10.30 -20.17 -33.84
C ARG D 137 -8.84 -20.61 -33.79
N THR D 138 -8.30 -21.08 -34.91
CA THR D 138 -6.92 -21.55 -34.93
C THR D 138 -5.95 -20.41 -34.63
N ALA D 139 -6.21 -19.22 -35.17
CA ALA D 139 -5.36 -18.07 -34.88
C ALA D 139 -5.42 -17.69 -33.41
N LEU D 140 -6.63 -17.68 -32.83
CA LEU D 140 -6.76 -17.39 -31.41
C LEU D 140 -6.02 -18.43 -30.57
N THR D 141 -6.24 -19.71 -30.87
CA THR D 141 -5.57 -20.77 -30.10
C THR D 141 -4.05 -20.69 -30.25
N GLU D 142 -3.58 -20.44 -31.47
CA GLU D 142 -2.13 -20.35 -31.69
C GLU D 142 -1.54 -19.16 -30.94
N ALA D 143 -2.18 -17.99 -31.05
CA ALA D 143 -1.66 -16.80 -30.40
C ALA D 143 -1.63 -16.97 -28.88
N ALA D 144 -2.67 -17.57 -28.31
CA ALA D 144 -2.74 -17.77 -26.86
C ALA D 144 -1.72 -18.78 -26.35
N ASN D 145 -1.07 -19.53 -27.24
CA ASN D 145 -0.07 -20.52 -26.86
C ASN D 145 1.34 -19.95 -26.92
N LEU D 146 1.49 -18.66 -27.22
CA LEU D 146 2.78 -17.99 -27.16
C LEU D 146 2.91 -17.27 -25.83
N SER D 147 4.13 -17.23 -25.30
CA SER D 147 4.36 -16.63 -23.99
C SER D 147 3.94 -15.16 -24.01
N GLY D 148 3.06 -14.80 -23.09
CA GLY D 148 2.59 -13.43 -22.98
C GLY D 148 2.40 -13.00 -21.54
N TRP D 149 1.44 -12.11 -21.31
CA TRP D 149 1.20 -11.53 -19.99
C TRP D 149 -0.28 -11.60 -19.65
N PRO D 150 -0.70 -12.52 -18.78
CA PRO D 150 -2.07 -12.47 -18.26
C PRO D 150 -2.20 -11.33 -17.27
N LEU D 151 -3.02 -10.33 -17.61
CA LEU D 151 -3.17 -9.12 -16.81
C LEU D 151 -4.51 -9.18 -16.07
N GLN D 152 -4.44 -9.41 -14.77
CA GLN D 152 -5.59 -9.30 -13.90
C GLN D 152 -5.61 -7.90 -13.30
N ASP D 153 -6.48 -7.68 -12.32
CA ASP D 153 -6.48 -6.39 -11.62
C ASP D 153 -5.11 -6.13 -11.02
N GLY D 154 -4.61 -4.93 -11.21
CA GLY D 154 -3.29 -4.58 -10.75
C GLY D 154 -2.89 -3.21 -11.27
N TYR D 155 -1.71 -2.78 -10.84
CA TYR D 155 -1.22 -1.45 -11.17
C TYR D 155 -0.76 -1.45 -12.62
N GLU D 156 -1.60 -0.88 -13.50
CA GLU D 156 -1.38 -1.00 -14.93
C GLU D 156 -0.08 -0.34 -15.38
N SER D 157 0.34 0.73 -14.69
CA SER D 157 1.57 1.41 -15.09
C SER D 157 2.78 0.48 -14.94
N ASN D 158 2.83 -0.28 -13.85
CA ASN D 158 3.92 -1.23 -13.68
C ASN D 158 3.77 -2.40 -14.64
N GLN D 159 2.53 -2.83 -14.90
CA GLN D 159 2.30 -3.90 -15.87
C GLN D 159 2.82 -3.51 -17.25
N ILE D 160 2.52 -2.28 -17.68
CA ILE D 160 2.95 -1.84 -19.00
C ILE D 160 4.47 -1.67 -19.04
N LYS D 161 5.05 -1.14 -17.97
CA LYS D 161 6.50 -0.97 -17.93
C LYS D 161 7.20 -2.31 -18.10
N GLU D 162 6.75 -3.32 -17.35
CA GLU D 162 7.34 -4.64 -17.48
C GLU D 162 7.14 -5.21 -18.88
N ILE D 163 5.95 -5.01 -19.45
CA ILE D 163 5.67 -5.55 -20.78
C ILE D 163 6.57 -4.90 -21.82
N THR D 164 6.62 -3.56 -21.82
CA THR D 164 7.39 -2.85 -22.85
C THR D 164 8.88 -3.04 -22.66
N ASP D 165 9.35 -3.20 -21.43
CA ASP D 165 10.75 -3.55 -21.20
C ASP D 165 11.09 -4.89 -21.84
N SER D 166 10.21 -5.88 -21.67
CA SER D 166 10.47 -7.19 -22.25
C SER D 166 10.45 -7.14 -23.78
N ILE D 167 9.51 -6.37 -24.36
CA ILE D 167 9.50 -6.19 -25.80
C ILE D 167 10.77 -5.48 -26.25
N PHE D 168 11.19 -4.48 -25.48
CA PHE D 168 12.42 -3.75 -25.81
C PHE D 168 13.61 -4.70 -25.84
N ARG D 169 13.67 -5.65 -24.89
CA ARG D 169 14.77 -6.60 -24.85
C ARG D 169 14.81 -7.46 -26.10
N ARG D 170 13.65 -7.81 -26.65
CA ARG D 170 13.62 -8.67 -27.83
C ARG D 170 13.94 -7.92 -29.10
N LEU D 171 13.40 -6.71 -29.27
CA LEU D 171 13.50 -6.00 -30.54
C LEU D 171 14.70 -5.06 -30.61
N LYS D 172 15.13 -4.49 -29.49
CA LYS D 172 16.13 -3.42 -29.51
C LYS D 172 17.43 -3.80 -28.82
N CYS D 173 17.63 -5.06 -28.45
CA CYS D 173 18.84 -5.47 -27.75
C CYS D 173 19.58 -6.58 -28.52
PA NAD E . -10.68 17.40 19.55
O1A NAD E . -10.96 16.98 20.94
O2A NAD E . -11.34 16.53 18.49
O5B NAD E . -9.07 17.41 19.22
C5B NAD E . -8.58 17.80 17.92
C4B NAD E . -7.56 16.79 17.47
O4B NAD E . -6.41 16.83 18.34
C3B NAD E . -8.02 15.34 17.45
O3B NAD E . -7.52 14.66 16.30
C2B NAD E . -7.45 14.78 18.74
O2B NAD E . -7.20 13.37 18.64
C1B NAD E . -6.13 15.54 18.83
N9A NAD E . -5.58 15.67 20.17
C8A NAD E . -6.26 15.65 21.36
N7A NAD E . -5.50 15.80 22.42
C5A NAD E . -4.23 15.92 21.90
C6A NAD E . -2.97 16.11 22.49
N6A NAD E . -2.79 16.22 23.81
N1A NAD E . -1.89 16.18 21.69
C2A NAD E . -2.07 16.08 20.36
N3A NAD E . -3.21 15.91 19.68
C4A NAD E . -4.26 15.84 20.51
O3 NAD E . -11.15 18.90 19.27
PN NAD E . -10.75 20.33 19.89
O1N NAD E . -11.99 21.09 20.15
O2N NAD E . -9.69 20.93 19.06
O5D NAD E . -10.08 19.90 21.28
C5D NAD E . -10.90 19.75 22.47
C4D NAD E . -9.99 19.79 23.67
O4D NAD E . -8.99 18.77 23.57
C3D NAD E . -9.22 21.09 23.86
O3D NAD E . -10.00 22.04 24.58
C2D NAD E . -8.00 20.62 24.67
O2D NAD E . -8.28 20.53 26.06
C1D NAD E . -7.76 19.23 24.08
N1N NAD E . -6.75 19.24 22.93
C2N NAD E . -5.47 19.47 23.27
C3N NAD E . -4.48 19.50 22.31
C7N NAD E . -3.05 19.75 22.70
O7N NAD E . -2.17 19.79 21.82
N7N NAD E . -2.78 19.92 23.98
C4N NAD E . -4.83 19.29 20.99
C5N NAD E . -6.16 19.07 20.66
C6N NAD E . -7.11 19.04 21.65
S SO4 F . -13.46 19.29 26.74
O1 SO4 F . -13.63 18.19 25.80
O2 SO4 F . -14.47 19.17 27.79
O3 SO4 F . -12.14 19.25 27.34
O4 SO4 F . -13.64 20.56 26.04
S SO4 G . 1.28 -4.76 35.08
O1 SO4 G . 0.52 -5.96 34.80
O2 SO4 G . 1.10 -4.36 36.47
O3 SO4 G . 2.69 -5.00 34.81
O4 SO4 G . 0.81 -3.66 34.23
S SO4 H . 8.71 18.80 16.11
O1 SO4 H . 7.37 18.23 16.29
O2 SO4 H . 9.31 19.05 17.40
O3 SO4 H . 9.53 17.87 15.35
O4 SO4 H . 8.59 20.07 15.38
S SO4 I . 14.65 4.16 13.44
O1 SO4 I . 13.29 3.64 13.34
O2 SO4 I . 15.22 3.83 14.74
O3 SO4 I . 15.47 3.59 12.38
O4 SO4 I . 14.62 5.62 13.29
S SO4 J . -6.01 -5.11 35.49
O1 SO4 J . -7.03 -5.14 34.45
O2 SO4 J . -6.61 -5.45 36.79
O3 SO4 J . -4.97 -6.08 35.17
O4 SO4 J . -5.43 -3.77 35.56
PA NAD K . -20.31 25.54 -17.86
O1A NAD K . -20.80 24.93 -16.61
O2A NAD K . -20.80 24.85 -19.12
O5B NAD K . -18.68 25.54 -17.93
C5B NAD K . -17.99 25.94 -19.13
C4B NAD K . -17.01 24.85 -19.52
O4B NAD K . -15.94 24.79 -18.54
C3B NAD K . -17.59 23.44 -19.60
O3B NAD K . -17.04 22.74 -20.72
C2B NAD K . -17.17 22.82 -18.27
O2B NAD K . -17.04 21.40 -18.38
C1B NAD K . -15.82 23.47 -18.06
N9A NAD K . -15.37 23.53 -16.67
C8A NAD K . -16.14 23.55 -15.55
N7A NAD K . -15.46 23.65 -14.42
C5A NAD K . -14.13 23.69 -14.85
C6A NAD K . -12.92 23.81 -14.15
N6A NAD K . -12.83 23.89 -12.82
N1A NAD K . -11.78 23.83 -14.87
C2A NAD K . -11.87 23.75 -16.20
N3A NAD K . -12.95 23.64 -16.97
C4A NAD K . -14.06 23.61 -16.23
O3 NAD K . -20.72 27.08 -17.97
PN NAD K . -20.24 28.41 -17.21
O1N NAD K . -21.42 29.29 -17.02
O2N NAD K . -19.04 28.95 -17.89
O5D NAD K . -19.76 27.81 -15.81
C5D NAD K . -20.71 27.64 -14.73
C4D NAD K . -19.96 27.68 -13.43
O4D NAD K . -18.95 26.64 -13.41
C3D NAD K . -19.20 28.98 -13.15
O3D NAD K . -20.04 29.92 -12.50
C2D NAD K . -18.07 28.51 -12.24
O2D NAD K . -18.48 28.42 -10.88
C1D NAD K . -17.77 27.11 -12.80
N1N NAD K . -16.65 27.12 -13.86
C2N NAD K . -15.40 27.28 -13.38
C3N NAD K . -14.32 27.28 -14.25
C7N NAD K . -12.93 27.44 -13.72
O7N NAD K . -11.97 27.44 -14.52
N7N NAD K . -12.77 27.58 -12.41
C4N NAD K . -14.57 27.12 -15.60
C5N NAD K . -15.86 26.96 -16.07
C6N NAD K . -16.91 26.97 -15.17
S SO4 L . -23.67 27.29 -10.94
O1 SO4 L . -24.01 26.34 -12.00
O2 SO4 L . -24.49 27.00 -9.77
O3 SO4 L . -22.26 27.15 -10.59
O4 SO4 L . -23.93 28.65 -11.41
S SO4 M . 4.87 11.19 -21.22
O1 SO4 M . 4.57 10.18 -22.23
O2 SO4 M . 4.46 10.70 -19.90
O3 SO4 M . 6.31 11.44 -21.20
O4 SO4 M . 4.16 12.42 -21.52
S SO4 N . -10.91 2.75 -1.63
O1 SO4 N . -11.35 3.29 -2.90
O2 SO4 N . -12.07 2.31 -0.87
O3 SO4 N . -10.01 1.62 -1.86
O4 SO4 N . -10.20 3.79 -0.89
S SO4 O . -1.12 25.58 -19.42
O1 SO4 O . -2.12 24.57 -19.75
O2 SO4 O . -1.36 26.12 -18.09
O3 SO4 O . 0.21 24.97 -19.45
O4 SO4 O . -1.13 26.69 -20.40
S SO4 P . -18.61 2.55 -2.01
O1 SO4 P . -19.47 2.59 -3.19
O2 SO4 P . -19.41 2.25 -0.83
O3 SO4 P . -17.59 1.52 -2.19
O4 SO4 P . -17.96 3.85 -1.84
PA NAD Q . 9.02 -30.32 20.30
O1A NAD Q . 7.86 -30.46 19.40
O2A NAD Q . 8.66 -29.95 21.74
O5B NAD Q . 10.08 -29.20 19.77
C5B NAD Q . 11.27 -28.90 20.54
C4B NAD Q . 11.38 -27.40 20.71
O4B NAD Q . 11.77 -26.79 19.46
C3B NAD Q . 10.10 -26.70 21.16
O3B NAD Q . 10.39 -25.69 22.11
C2B NAD Q . 9.56 -26.12 19.85
O2B NAD Q . 8.78 -24.95 20.07
C1B NAD Q . 10.85 -25.77 19.12
N9A NAD Q . 10.73 -25.72 17.66
C8A NAD Q . 9.85 -26.40 16.87
N7A NAD Q . 9.99 -26.18 15.59
C5A NAD Q . 11.06 -25.30 15.53
C6A NAD Q . 11.72 -24.67 14.45
N6A NAD Q . 11.40 -24.87 13.17
N1A NAD Q . 12.74 -23.85 14.74
C2A NAD Q . 13.08 -23.65 16.02
N3A NAD Q . 12.54 -24.18 17.12
C4A NAD Q . 11.53 -25.00 16.80
O3 NAD Q . 9.87 -31.67 20.37
PN NAD Q . 10.69 -32.54 19.31
O1N NAD Q . 10.25 -33.95 19.42
O2N NAD Q . 12.13 -32.21 19.42
O5D NAD Q . 10.18 -31.92 17.93
C5D NAD Q . 9.06 -32.51 17.22
C4D NAD Q . 9.19 -32.19 15.75
O4D NAD Q . 9.22 -30.77 15.55
C3D NAD Q . 10.45 -32.72 15.07
O3D NAD Q . 10.27 -34.06 14.62
C2D NAD Q . 10.60 -31.75 13.90
O2D NAD Q . 9.79 -32.13 12.80
C1D NAD Q . 10.10 -30.43 14.51
N1N NAD Q . 11.23 -29.58 15.10
C2N NAD Q . 11.98 -28.90 14.21
C3N NAD Q . 13.02 -28.10 14.66
C7N NAD Q . 13.88 -27.35 13.67
O7N NAD Q . 14.80 -26.63 14.09
N7N NAD Q . 13.60 -27.49 12.39
C4N NAD Q . 13.27 -28.02 16.02
C5N NAD Q . 12.47 -28.72 16.91
C6N NAD Q . 11.46 -29.52 16.43
S SO4 R . -4.69 -9.23 4.78
O1 SO4 R . -6.09 -9.66 4.76
O2 SO4 R . -4.03 -9.83 5.93
O3 SO4 R . -4.02 -9.66 3.55
O4 SO4 R . -4.62 -7.78 4.88
S SO4 S . 18.47 -2.29 16.52
O1 SO4 S . 17.20 -2.87 16.11
O2 SO4 S . 18.28 -1.42 17.69
O3 SO4 S . 19.40 -3.37 16.87
O4 SO4 S . 19.03 -1.50 15.41
S SO4 T . 23.29 -17.66 14.45
O1 SO4 T . 21.96 -17.93 13.91
O2 SO4 T . 23.33 -18.03 15.86
O3 SO4 T . 24.27 -18.45 13.70
O4 SO4 T . 23.60 -16.25 14.31
S SO4 U . -9.60 -13.92 8.38
O1 SO4 U . -10.75 -14.53 7.71
O2 SO4 U . -9.66 -14.19 9.82
O3 SO4 U . -8.37 -14.45 7.83
O4 SO4 U . -9.64 -12.47 8.17
PA NAD V . -2.97 -23.06 -16.96
O1A NAD V . -3.78 -23.12 -18.19
O2A NAD V . -3.77 -22.79 -15.69
O5B NAD V . -1.82 -21.89 -17.04
C5B NAD V . -0.88 -21.69 -15.97
C4B NAD V . -0.67 -20.21 -15.77
O4B NAD V . -0.12 -19.62 -16.98
C3B NAD V . -1.93 -19.40 -15.44
O3B NAD V . -1.64 -18.40 -14.46
C2B NAD V . -2.31 -18.79 -16.78
O2B NAD V . -3.02 -17.56 -16.63
C1B NAD V . -0.93 -18.54 -17.39
N9A NAD V . -0.91 -18.48 -18.85
C8A NAD V . -1.76 -19.11 -19.72
N7A NAD V . -1.49 -18.89 -20.99
C5A NAD V . -0.38 -18.06 -20.94
C6A NAD V . 0.40 -17.47 -21.96
N6A NAD V . 0.18 -17.63 -23.26
N1A NAD V . 1.44 -16.69 -21.57
C2A NAD V . 1.67 -16.53 -20.27
N3A NAD V . 1.01 -17.04 -19.23
C4A NAD V . -0.01 -17.80 -19.64
O3 NAD V . -2.16 -24.42 -16.73
PN NAD V . -1.13 -25.29 -17.58
O1N NAD V . -1.50 -26.72 -17.46
O2N NAD V . 0.25 -24.88 -17.24
O5D NAD V . -1.42 -24.81 -19.07
C5D NAD V . -2.54 -25.38 -19.80
C4D NAD V . -2.65 -24.72 -21.15
O4D NAD V . -2.23 -23.34 -21.06
C3D NAD V . -1.83 -25.36 -22.28
O3D NAD V . -2.59 -25.41 -23.49
C2D NAD V . -0.63 -24.42 -22.41
O2D NAD V . -0.16 -24.38 -23.76
C1D NAD V . -1.25 -23.07 -22.03
N1N NAD V . -0.18 -22.17 -21.39
C2N NAD V . 0.69 -21.60 -22.25
C3N NAD V . 1.73 -20.82 -21.77
C7N NAD V . 2.70 -20.19 -22.72
O7N NAD V . 3.63 -19.52 -22.27
N7N NAD V . 2.53 -20.40 -24.02
C4N NAD V . 1.84 -20.64 -20.40
C5N NAD V . 0.91 -21.23 -19.54
C6N NAD V . -0.09 -22.00 -20.06
S SO4 W . -14.54 -0.70 -32.45
O1 SO4 W . -14.49 -1.28 -33.79
O2 SO4 W . -15.93 -0.54 -32.04
O3 SO4 W . -13.87 -1.60 -31.51
O4 SO4 W . -13.87 0.60 -32.44
S SO4 X . 8.12 4.35 -17.70
O1 SO4 X . 7.46 4.32 -19.00
O2 SO4 X . 7.12 4.30 -16.64
O3 SO4 X . 9.01 3.21 -17.59
O4 SO4 X . 8.89 5.58 -17.56
S SO4 Y . 12.01 -11.39 -20.95
O1 SO4 Y . 11.32 -11.33 -22.24
O2 SO4 Y . 11.04 -11.66 -19.89
O3 SO4 Y . 13.01 -12.44 -20.98
O4 SO4 Y . 12.65 -10.10 -20.70
S SO4 Z . -19.75 -5.47 -29.74
O1 SO4 Z . -20.68 -6.30 -30.51
O2 SO4 Z . -20.17 -5.41 -28.34
O3 SO4 Z . -18.41 -6.07 -29.80
O4 SO4 Z . -19.71 -4.13 -30.31
#